data_3B4Y
#
_entry.id   3B4Y
#
_cell.length_a   91.078
_cell.length_b   89.907
_cell.length_c   80.146
_cell.angle_alpha   90.00
_cell.angle_beta   90.00
_cell.angle_gamma   90.00
#
_symmetry.space_group_name_H-M   'P 21 21 2'
#
loop_
_entity.id
_entity.type
_entity.pdbx_description
1 polymer 'PROBABLE F420-DEPENDENT GLUCOSE-6-PHOSPHATE DEHYDROGENASE FGD1'
2 non-polymer 'COENZYME F420'
3 non-polymer 'CITRATE ANION'
4 water water
#
_entity_poly.entity_id   1
_entity_poly.type   'polypeptide(L)'
_entity_poly.pdbx_seq_one_letter_code
;(MSE)GSSHHHHHHSSGLVPRGSH(MSE)AELKLGYKASAEQFAPRELVELAVAAEAHG(MSE)DSATVSDHFQPWRHQG
GHAPFSLSW(MSE)TAVGERTNRLLLGTSVLTPTFRYNPAVIAQAFAT(MSE)G(CSO)LYPNRVFLGVGTGEALNEIAT
GYEGAWPEFKERFARLRESVGL(MSE)RQLWSGDRVDFDGDYYRLKGASIYDVPDGGVPVYIAAGGPAVAKYAGRAGDGF
ICTSGKGEELYTEKL(MSE)PAVREGAAAADRSVDGIDK(MSE)IEIKISYDPDPELA(MSE)NNTRFWAPLSLTAEQKH
SIDDPIE(MSE)EKAADALPIEQIAKRWIVASDPDEAVEKVGQYVTWGLNHLVFHAPGHDQRRFLELFQSDLAPRLRRLG
;
_entity_poly.pdbx_strand_id   A,B
#
loop_
_chem_comp.id
_chem_comp.type
_chem_comp.name
_chem_comp.formula
F42 non-polymer 'COENZYME F420' 'C29 H36 N5 O18 P'
FLC non-polymer 'CITRATE ANION' 'C6 H5 O7 -3'
#
# COMPACT_ATOMS: atom_id res chain seq x y z
N GLU A 23 -24.88 -17.56 2.07
CA GLU A 23 -25.21 -16.11 2.04
C GLU A 23 -25.04 -15.40 3.40
N LEU A 24 -25.62 -15.94 4.49
CA LEU A 24 -25.31 -15.38 5.82
C LEU A 24 -23.83 -15.55 6.19
N LYS A 25 -23.14 -14.43 6.33
CA LYS A 25 -21.73 -14.39 6.76
C LYS A 25 -21.56 -13.51 7.99
N LEU A 26 -20.69 -13.95 8.88
CA LEU A 26 -20.38 -13.22 10.11
C LEU A 26 -18.91 -12.76 10.07
N GLY A 27 -18.71 -11.45 10.19
CA GLY A 27 -17.39 -10.85 10.11
C GLY A 27 -16.99 -9.96 11.25
N TYR A 28 -15.72 -9.55 11.24
CA TYR A 28 -15.12 -8.72 12.28
C TYR A 28 -14.64 -7.40 11.68
N LYS A 29 -14.97 -6.28 12.34
CA LYS A 29 -14.45 -4.97 11.98
C LYS A 29 -13.18 -4.65 12.75
N ALA A 30 -12.09 -4.54 12.00
CA ALA A 30 -10.81 -4.15 12.57
C ALA A 30 -10.74 -2.60 12.49
N SER A 31 -10.66 -1.98 13.67
CA SER A 31 -10.73 -0.51 13.83
C SER A 31 -9.35 0.14 13.86
N ALA A 32 -8.90 0.57 12.68
CA ALA A 32 -7.67 1.31 12.54
C ALA A 32 -7.68 2.59 13.40
N GLU A 33 -8.82 3.26 13.58
CA GLU A 33 -8.88 4.46 14.45
C GLU A 33 -8.45 4.27 15.91
N GLN A 34 -8.49 3.01 16.39
CA GLN A 34 -8.31 2.67 17.81
C GLN A 34 -7.05 1.85 18.13
N PHE A 35 -6.50 1.17 17.13
CA PHE A 35 -5.37 0.24 17.38
C PHE A 35 -4.17 0.50 16.50
N ALA A 36 -3.00 0.25 17.09
CA ALA A 36 -1.72 0.39 16.41
C ALA A 36 -1.55 -0.79 15.42
N PRO A 37 -0.58 -0.69 14.46
CA PRO A 37 -0.49 -1.67 13.38
C PRO A 37 -0.45 -3.17 13.76
N ARG A 38 0.47 -3.56 14.63
CA ARG A 38 0.67 -4.95 14.97
C ARG A 38 -0.60 -5.53 15.63
N GLU A 39 -1.14 -4.83 16.62
CA GLU A 39 -2.42 -5.18 17.25
C GLU A 39 -3.54 -5.34 16.23
N LEU A 40 -3.66 -4.39 15.30
CA LEU A 40 -4.73 -4.44 14.30
C LEU A 40 -4.68 -5.73 13.47
N VAL A 41 -3.47 -6.12 13.03
CA VAL A 41 -3.22 -7.36 12.29
C VAL A 41 -3.51 -8.63 13.16
N GLU A 42 -2.97 -8.70 14.38
CA GLU A 42 -3.19 -9.85 15.30
C GLU A 42 -4.67 -10.03 15.64
N LEU A 43 -5.40 -8.93 15.82
CA LEU A 43 -6.85 -9.02 16.09
C LEU A 43 -7.61 -9.69 14.96
N ALA A 44 -7.29 -9.29 13.72
CA ALA A 44 -7.87 -9.93 12.53
C ALA A 44 -7.52 -11.42 12.44
N VAL A 45 -6.27 -11.77 12.72
CA VAL A 45 -5.86 -13.18 12.79
C VAL A 45 -6.69 -13.94 13.82
N ALA A 46 -6.89 -13.28 14.98
CA ALA A 46 -7.74 -13.85 16.04
C ALA A 46 -9.21 -13.98 15.58
N ALA A 47 -9.68 -13.05 14.75
CA ALA A 47 -11.03 -13.16 14.15
C ALA A 47 -11.22 -14.51 13.44
N GLU A 48 -10.25 -14.90 12.61
CA GLU A 48 -10.28 -16.19 11.94
C GLU A 48 -10.18 -17.36 12.92
N ALA A 49 -9.28 -17.24 13.90
CA ALA A 49 -9.15 -18.25 14.93
C ALA A 49 -10.51 -18.52 15.58
N HIS A 50 -11.33 -17.47 15.67
CA HIS A 50 -12.62 -17.52 16.35
C HIS A 50 -13.84 -17.77 15.46
N GLY A 51 -13.61 -18.04 14.17
CA GLY A 51 -14.65 -18.57 13.31
C GLY A 51 -15.27 -17.56 12.36
N MSE A 52 -14.79 -16.32 12.38
CA MSE A 52 -15.27 -15.28 11.46
C MSE A 52 -15.06 -15.67 9.99
O MSE A 52 -14.06 -16.33 9.65
CB MSE A 52 -14.58 -13.93 11.74
CG MSE A 52 -14.92 -13.31 13.11
SE MSE A 52 -16.86 -13.07 13.40
CE MSE A 52 -16.79 -11.78 14.93
N ASP A 53 -16.01 -15.27 9.14
CA ASP A 53 -15.93 -15.43 7.69
C ASP A 53 -15.11 -14.32 6.99
N SER A 54 -15.03 -13.15 7.63
CA SER A 54 -14.43 -11.98 7.01
C SER A 54 -13.88 -11.03 8.05
N ALA A 55 -12.99 -10.18 7.59
CA ALA A 55 -12.50 -9.09 8.40
C ALA A 55 -12.36 -7.88 7.47
N THR A 56 -12.81 -6.74 7.95
CA THR A 56 -12.78 -5.48 7.22
C THR A 56 -12.07 -4.45 8.08
N VAL A 57 -11.32 -3.59 7.42
CA VAL A 57 -10.53 -2.59 8.08
C VAL A 57 -11.03 -1.22 7.62
N SER A 58 -11.16 -0.30 8.56
CA SER A 58 -11.36 1.08 8.16
C SER A 58 -10.10 1.68 7.49
N ASP A 59 -10.35 2.67 6.65
CA ASP A 59 -9.28 3.31 5.92
C ASP A 59 -9.26 4.80 6.26
N HIS A 60 -8.31 5.15 7.13
CA HIS A 60 -8.13 6.51 7.61
C HIS A 60 -6.72 6.98 7.41
N PHE A 61 -6.58 8.28 7.19
CA PHE A 61 -5.29 8.93 7.36
C PHE A 61 -5.21 9.45 8.79
N GLN A 62 -6.33 9.92 9.31
CA GLN A 62 -6.44 10.42 10.67
C GLN A 62 -7.58 9.78 11.44
N PRO A 63 -7.36 9.51 12.73
CA PRO A 63 -8.40 8.91 13.57
C PRO A 63 -9.47 9.96 13.92
N TRP A 64 -10.56 9.50 14.52
CA TRP A 64 -11.59 10.42 15.03
C TRP A 64 -11.10 11.21 16.23
N ARG A 65 -10.32 10.57 17.11
CA ARG A 65 -9.76 11.21 18.28
C ARG A 65 -8.27 11.50 18.12
N HIS A 66 -7.86 12.65 18.64
CA HIS A 66 -6.43 12.94 18.73
C HIS A 66 -5.82 12.12 19.84
N GLN A 67 -6.36 12.24 21.05
CA GLN A 67 -5.85 11.51 22.22
C GLN A 67 -6.21 10.03 22.17
N GLY A 68 -5.20 9.18 21.97
CA GLY A 68 -5.43 7.74 21.89
C GLY A 68 -5.94 7.18 20.57
N GLY A 69 -5.94 8.02 19.53
CA GLY A 69 -6.26 7.59 18.18
C GLY A 69 -5.06 6.98 17.45
N HIS A 70 -5.37 6.16 16.44
CA HIS A 70 -4.38 5.51 15.61
C HIS A 70 -4.93 5.61 14.20
N ALA A 71 -4.08 5.31 13.22
CA ALA A 71 -4.49 5.13 11.85
C ALA A 71 -3.44 4.28 11.09
N PRO A 72 -3.32 2.96 11.40
CA PRO A 72 -2.39 2.19 10.56
C PRO A 72 -2.84 2.16 9.07
N PHE A 73 -1.88 2.13 8.15
CA PHE A 73 -2.19 2.12 6.72
C PHE A 73 -3.04 0.88 6.38
N SER A 74 -4.24 1.10 5.86
CA SER A 74 -5.16 -0.01 5.61
C SER A 74 -4.60 -1.10 4.68
N LEU A 75 -3.89 -0.72 3.62
CA LEU A 75 -3.49 -1.75 2.64
C LEU A 75 -2.42 -2.73 3.19
N SER A 76 -1.55 -2.21 4.03
CA SER A 76 -0.57 -3.01 4.77
C SER A 76 -1.29 -3.99 5.71
N TRP A 77 -2.34 -3.54 6.40
CA TRP A 77 -3.13 -4.46 7.20
C TRP A 77 -3.68 -5.60 6.36
N MSE A 78 -4.23 -5.27 5.18
CA MSE A 78 -4.85 -6.30 4.33
C MSE A 78 -3.87 -7.39 3.88
O MSE A 78 -4.20 -8.57 3.90
CB MSE A 78 -5.47 -5.68 3.11
CG MSE A 78 -6.87 -5.12 3.36
SE MSE A 78 -7.54 -4.57 1.65
CE MSE A 78 -7.65 -6.34 0.84
N THR A 79 -2.68 -6.96 3.49
CA THR A 79 -1.62 -7.86 3.04
C THR A 79 -1.04 -8.67 4.17
N ALA A 80 -0.73 -8.03 5.31
CA ALA A 80 -0.23 -8.79 6.47
C ALA A 80 -1.24 -9.84 6.97
N VAL A 81 -2.50 -9.43 7.10
CA VAL A 81 -3.58 -10.35 7.44
C VAL A 81 -3.75 -11.46 6.40
N GLY A 82 -3.76 -11.11 5.11
CA GLY A 82 -3.86 -12.13 4.05
C GLY A 82 -2.80 -13.22 4.11
N GLU A 83 -1.57 -12.79 4.35
CA GLU A 83 -0.44 -13.71 4.46
C GLU A 83 -0.55 -14.64 5.72
N ARG A 84 -1.18 -14.14 6.79
CA ARG A 84 -1.36 -14.87 8.08
C ARG A 84 -2.66 -15.69 8.22
N THR A 85 -3.56 -15.55 7.25
CA THR A 85 -4.86 -16.25 7.27
C THR A 85 -5.09 -17.15 6.04
N ASN A 86 -6.09 -18.04 6.13
CA ASN A 86 -6.31 -18.97 5.04
C ASN A 86 -7.66 -18.77 4.39
N ARG A 87 -8.62 -18.34 5.19
CA ARG A 87 -10.03 -18.33 4.77
C ARG A 87 -10.71 -16.94 4.74
N LEU A 88 -10.39 -16.08 5.70
CA LEU A 88 -11.01 -14.75 5.79
C LEU A 88 -11.10 -14.03 4.46
N LEU A 89 -12.32 -13.61 4.15
CA LEU A 89 -12.51 -12.59 3.14
C LEU A 89 -12.03 -11.25 3.70
N LEU A 90 -11.23 -10.53 2.95
CA LEU A 90 -10.65 -9.28 3.43
C LEU A 90 -10.96 -8.09 2.52
N GLY A 91 -11.18 -6.95 3.13
CA GLY A 91 -11.44 -5.74 2.38
C GLY A 91 -11.45 -4.49 3.23
N THR A 92 -11.55 -3.36 2.55
CA THR A 92 -11.71 -2.04 3.19
C THR A 92 -13.16 -1.72 3.49
N SER A 93 -13.39 -1.20 4.69
CA SER A 93 -14.70 -0.66 5.03
C SER A 93 -14.57 0.71 5.70
N VAL A 94 -14.45 1.80 4.94
CA VAL A 94 -14.23 1.80 3.49
C VAL A 94 -13.10 2.75 3.12
N LEU A 95 -12.66 2.63 1.87
CA LEU A 95 -11.61 3.46 1.35
C LEU A 95 -12.20 4.45 0.33
N THR A 96 -11.77 5.71 0.40
CA THR A 96 -12.12 6.77 -0.55
C THR A 96 -11.03 6.84 -1.64
N PRO A 97 -11.36 6.42 -2.87
CA PRO A 97 -10.35 6.24 -3.90
C PRO A 97 -10.22 7.47 -4.80
N THR A 98 -10.65 8.62 -4.30
CA THR A 98 -10.85 9.79 -5.12
C THR A 98 -10.05 11.08 -4.80
N PHE A 99 -9.51 11.24 -3.60
CA PHE A 99 -8.80 12.50 -3.29
C PHE A 99 -7.33 12.24 -2.94
N ARG A 100 -7.02 11.72 -1.73
CA ARG A 100 -5.58 11.51 -1.35
C ARG A 100 -4.94 10.37 -2.13
N TYR A 101 -5.78 9.39 -2.47
CA TYR A 101 -5.45 8.25 -3.30
C TYR A 101 -5.69 8.45 -4.78
N ASN A 102 -4.76 7.89 -5.56
CA ASN A 102 -4.81 7.86 -7.01
C ASN A 102 -5.54 6.55 -7.37
N PRO A 103 -6.72 6.63 -8.03
CA PRO A 103 -7.50 5.41 -8.34
C PRO A 103 -6.73 4.35 -9.14
N ALA A 104 -5.80 4.78 -9.99
CA ALA A 104 -4.94 3.87 -10.77
C ALA A 104 -4.00 3.02 -9.89
N VAL A 105 -3.44 3.65 -8.87
CA VAL A 105 -2.59 2.98 -7.86
C VAL A 105 -3.41 2.05 -6.96
N ILE A 106 -4.55 2.52 -6.46
CA ILE A 106 -5.52 1.68 -5.76
C ILE A 106 -5.88 0.43 -6.59
N ALA A 107 -6.12 0.61 -7.89
CA ALA A 107 -6.40 -0.51 -8.81
C ALA A 107 -5.26 -1.53 -8.85
N GLN A 108 -4.02 -1.02 -9.01
CA GLN A 108 -2.83 -1.87 -8.94
C GLN A 108 -2.74 -2.60 -7.61
N ALA A 109 -2.93 -1.88 -6.51
CA ALA A 109 -2.75 -2.41 -5.15
C ALA A 109 -3.70 -3.59 -4.95
N PHE A 110 -4.98 -3.35 -5.21
CA PHE A 110 -6.00 -4.42 -5.09
C PHE A 110 -5.88 -5.59 -6.08
N ALA A 111 -5.47 -5.29 -7.32
CA ALA A 111 -5.17 -6.34 -8.30
C ALA A 111 -4.04 -7.23 -7.76
N THR A 112 -2.97 -6.60 -7.26
CA THR A 112 -1.85 -7.34 -6.65
C THR A 112 -2.28 -8.21 -5.46
N MSE A 113 -3.12 -7.67 -4.57
CA MSE A 113 -3.60 -8.44 -3.42
C MSE A 113 -4.58 -9.55 -3.80
O MSE A 113 -4.61 -10.64 -3.17
CB MSE A 113 -4.21 -7.51 -2.38
CG MSE A 113 -3.19 -6.65 -1.67
SE MSE A 113 -3.99 -5.48 -0.34
CE MSE A 113 -5.08 -4.32 -1.45
N GLY A 114 -5.39 -9.28 -4.83
CA GLY A 114 -6.20 -10.30 -5.50
C GLY A 114 -5.36 -11.47 -6.00
N CSO A 115 -4.18 -11.19 -6.56
CA CSO A 115 -3.28 -12.23 -7.01
CB CSO A 115 -2.16 -11.68 -7.91
SG CSO A 115 -2.74 -11.10 -9.49
C CSO A 115 -2.70 -13.00 -5.84
O CSO A 115 -2.58 -14.24 -5.90
OD CSO A 115 -3.45 -12.48 -10.29
N LEU A 116 -2.34 -12.31 -4.77
CA LEU A 116 -1.71 -12.95 -3.60
C LEU A 116 -2.68 -13.80 -2.78
N TYR A 117 -3.90 -13.29 -2.62
CA TYR A 117 -4.92 -13.93 -1.79
C TYR A 117 -6.17 -14.20 -2.62
N PRO A 118 -6.09 -15.22 -3.52
CA PRO A 118 -7.17 -15.40 -4.53
C PRO A 118 -8.59 -15.59 -3.96
N ASN A 119 -9.54 -14.83 -4.53
CA ASN A 119 -10.95 -14.82 -4.09
C ASN A 119 -11.14 -14.36 -2.64
N ARG A 120 -10.16 -13.67 -2.08
CA ARG A 120 -10.26 -13.28 -0.68
C ARG A 120 -10.22 -11.76 -0.49
N VAL A 121 -10.29 -11.00 -1.59
CA VAL A 121 -10.09 -9.55 -1.51
C VAL A 121 -11.31 -8.80 -2.06
N PHE A 122 -11.75 -7.77 -1.35
CA PHE A 122 -12.70 -6.82 -1.98
C PHE A 122 -12.28 -5.38 -1.69
N LEU A 123 -12.65 -4.47 -2.59
CA LEU A 123 -12.49 -3.06 -2.34
C LEU A 123 -13.83 -2.46 -1.93
N GLY A 124 -13.92 -2.07 -0.66
CA GLY A 124 -15.01 -1.28 -0.14
C GLY A 124 -14.66 0.18 -0.36
N VAL A 125 -15.62 0.92 -0.94
CA VAL A 125 -15.49 2.33 -1.29
C VAL A 125 -16.53 3.25 -0.65
N GLY A 126 -16.14 4.50 -0.46
CA GLY A 126 -16.96 5.53 0.13
C GLY A 126 -16.75 6.85 -0.61
N THR A 127 -17.64 7.81 -0.40
CA THR A 127 -17.54 9.12 -1.06
C THR A 127 -16.57 10.09 -0.37
N GLY A 128 -16.25 9.82 0.89
CA GLY A 128 -15.16 10.44 1.62
C GLY A 128 -15.50 11.21 2.89
N GLU A 129 -14.47 11.56 3.65
CA GLU A 129 -14.62 12.42 4.83
C GLU A 129 -13.44 13.38 4.92
N ALA A 130 -13.76 14.67 5.17
CA ALA A 130 -12.76 15.76 5.22
C ALA A 130 -11.55 15.44 6.14
N LEU A 131 -11.84 14.75 7.25
CA LEU A 131 -10.83 14.29 8.23
C LEU A 131 -9.64 13.51 7.62
N ASN A 132 -9.90 12.71 6.58
CA ASN A 132 -8.85 12.02 5.85
C ASN A 132 -8.21 12.83 4.71
N GLU A 133 -8.95 13.81 4.19
CA GLU A 133 -8.60 14.43 2.91
C GLU A 133 -7.98 15.83 2.94
N ILE A 134 -8.41 16.67 3.87
CA ILE A 134 -7.98 18.08 3.88
C ILE A 134 -6.57 18.23 4.48
N ALA A 135 -6.29 17.45 5.52
CA ALA A 135 -4.99 17.40 6.13
C ALA A 135 -3.91 16.87 5.17
N THR A 136 -4.31 15.91 4.32
CA THR A 136 -3.40 15.23 3.39
C THR A 136 -3.15 16.02 2.11
N GLY A 137 -3.58 17.28 2.10
CA GLY A 137 -3.18 18.22 1.08
C GLY A 137 -4.17 18.65 0.03
N TYR A 138 -5.43 18.20 0.12
CA TYR A 138 -6.44 18.57 -0.89
C TYR A 138 -6.60 20.10 -0.96
N GLU A 139 -6.41 20.67 -2.14
CA GLU A 139 -6.38 22.14 -2.30
C GLU A 139 -7.78 22.76 -2.42
N GLY A 140 -8.00 23.83 -1.65
CA GLY A 140 -9.28 24.56 -1.68
C GLY A 140 -10.36 23.93 -0.82
N ALA A 141 -11.61 24.07 -1.27
CA ALA A 141 -12.78 23.74 -0.47
C ALA A 141 -13.17 22.28 -0.60
N TRP A 142 -13.45 21.66 0.52
CA TRP A 142 -14.05 20.32 0.55
C TRP A 142 -15.29 20.32 -0.37
N PRO A 143 -15.21 19.56 -1.48
CA PRO A 143 -16.26 19.51 -2.51
C PRO A 143 -17.61 19.14 -1.91
N GLU A 144 -18.67 19.66 -2.55
CA GLU A 144 -20.03 19.28 -2.23
C GLU A 144 -20.30 17.84 -2.63
N PHE A 145 -21.35 17.26 -2.05
CA PHE A 145 -21.72 15.87 -2.28
C PHE A 145 -21.82 15.41 -3.76
N LYS A 146 -22.39 16.25 -4.62
CA LYS A 146 -22.60 15.90 -6.02
C LYS A 146 -21.28 15.55 -6.70
N GLU A 147 -20.23 16.32 -6.38
CA GLU A 147 -18.94 16.13 -6.99
C GLU A 147 -18.21 14.93 -6.35
N ARG A 148 -18.33 14.78 -5.03
CA ARG A 148 -17.75 13.62 -4.35
C ARG A 148 -18.36 12.30 -4.86
N PHE A 149 -19.69 12.29 -5.00
CA PHE A 149 -20.42 11.14 -5.56
C PHE A 149 -19.98 10.95 -7.02
N ALA A 150 -19.96 12.04 -7.79
CA ALA A 150 -19.49 12.02 -9.18
C ALA A 150 -18.05 11.46 -9.34
N ARG A 151 -17.13 11.89 -8.48
CA ARG A 151 -15.75 11.39 -8.52
C ARG A 151 -15.70 9.90 -8.23
N LEU A 152 -16.53 9.44 -7.29
CA LEU A 152 -16.58 8.01 -6.92
C LEU A 152 -17.03 7.12 -8.07
N ARG A 153 -18.14 7.50 -8.73
CA ARG A 153 -18.63 6.73 -9.88
C ARG A 153 -17.54 6.61 -10.96
N GLU A 154 -16.88 7.73 -11.27
CA GLU A 154 -15.83 7.73 -12.29
C GLU A 154 -14.64 6.83 -11.92
N SER A 155 -14.18 6.97 -10.67
CA SER A 155 -13.04 6.21 -10.19
C SER A 155 -13.34 4.72 -10.25
N VAL A 156 -14.55 4.32 -9.88
CA VAL A 156 -14.96 2.90 -9.95
C VAL A 156 -14.91 2.36 -11.39
N GLY A 157 -15.42 3.17 -12.32
CA GLY A 157 -15.30 2.94 -13.76
C GLY A 157 -13.86 2.65 -14.19
N LEU A 158 -12.95 3.56 -13.84
CA LEU A 158 -11.53 3.52 -14.23
C LEU A 158 -10.81 2.30 -13.65
N MSE A 159 -11.09 2.01 -12.39
CA MSE A 159 -10.46 0.93 -11.69
C MSE A 159 -10.84 -0.41 -12.32
O MSE A 159 -9.98 -1.25 -12.56
CB MSE A 159 -10.82 0.96 -10.21
CG MSE A 159 -10.01 2.07 -9.52
SE MSE A 159 -10.15 2.13 -7.60
CE MSE A 159 -12.11 2.46 -7.37
N ARG A 160 -12.12 -0.56 -12.61
CA ARG A 160 -12.64 -1.77 -13.26
C ARG A 160 -12.15 -1.94 -14.69
N GLN A 161 -12.05 -0.82 -15.44
CA GLN A 161 -11.43 -0.88 -16.76
C GLN A 161 -10.00 -1.39 -16.68
N LEU A 162 -9.23 -0.87 -15.72
CA LEU A 162 -7.89 -1.39 -15.45
C LEU A 162 -7.88 -2.87 -15.02
N TRP A 163 -8.83 -3.31 -14.18
CA TRP A 163 -8.89 -4.74 -13.76
C TRP A 163 -9.17 -5.76 -14.87
N SER A 164 -9.69 -5.27 -16.00
CA SER A 164 -9.79 -6.08 -17.21
C SER A 164 -8.42 -6.61 -17.70
N GLY A 165 -7.33 -5.91 -17.33
CA GLY A 165 -5.98 -6.29 -17.75
C GLY A 165 -5.60 -5.84 -19.16
N ASP A 166 -6.50 -5.11 -19.82
CA ASP A 166 -6.25 -4.59 -21.20
C ASP A 166 -5.69 -3.18 -21.12
N ARG A 167 -5.06 -2.73 -22.20
CA ARG A 167 -4.62 -1.35 -22.26
C ARG A 167 -5.81 -0.41 -22.16
N VAL A 168 -5.70 0.63 -21.34
CA VAL A 168 -6.80 1.54 -21.06
C VAL A 168 -6.47 2.97 -21.49
N ASP A 169 -7.34 3.55 -22.32
CA ASP A 169 -7.39 4.99 -22.49
C ASP A 169 -8.61 5.51 -21.71
N PHE A 170 -8.42 6.43 -20.78
CA PHE A 170 -9.55 6.88 -19.98
C PHE A 170 -9.54 8.39 -19.92
N ASP A 171 -10.57 9.01 -20.45
CA ASP A 171 -10.64 10.46 -20.42
C ASP A 171 -11.89 10.90 -19.65
N GLY A 172 -11.79 10.86 -18.32
CA GLY A 172 -12.90 11.22 -17.42
C GLY A 172 -12.92 12.72 -17.16
N ASP A 173 -13.85 13.17 -16.31
CA ASP A 173 -13.86 14.56 -15.83
C ASP A 173 -12.87 14.84 -14.69
N TYR A 174 -12.43 13.78 -14.00
CA TYR A 174 -11.54 13.91 -12.84
C TYR A 174 -10.18 13.21 -13.06
N TYR A 175 -10.18 12.12 -13.83
CA TYR A 175 -9.03 11.21 -13.88
C TYR A 175 -8.71 10.85 -15.30
N ARG A 176 -7.41 10.70 -15.56
CA ARG A 176 -6.96 10.34 -16.92
C ARG A 176 -6.11 9.07 -16.91
N LEU A 177 -6.13 8.34 -18.02
CA LEU A 177 -5.20 7.22 -18.27
C LEU A 177 -4.91 7.19 -19.77
N LYS A 178 -3.66 7.01 -20.14
CA LYS A 178 -3.28 6.86 -21.53
C LYS A 178 -2.44 5.59 -21.74
N GLY A 179 -3.07 4.53 -22.23
CA GLY A 179 -2.35 3.30 -22.54
C GLY A 179 -1.86 2.56 -21.32
N ALA A 180 -2.53 2.77 -20.19
CA ALA A 180 -2.20 2.06 -18.94
C ALA A 180 -2.76 0.66 -18.94
N SER A 181 -1.97 -0.26 -18.38
CA SER A 181 -2.36 -1.64 -18.11
C SER A 181 -2.00 -1.97 -16.67
N ILE A 182 -2.82 -2.82 -16.08
CA ILE A 182 -2.43 -3.57 -14.91
C ILE A 182 -1.98 -4.94 -15.38
N TYR A 183 -0.72 -5.23 -15.15
CA TYR A 183 -0.12 -6.47 -15.63
C TYR A 183 -0.44 -7.71 -14.81
N ASP A 184 -0.68 -7.56 -13.51
CA ASP A 184 -1.02 -8.69 -12.63
C ASP A 184 -2.36 -8.42 -12.00
N VAL A 185 -3.35 -9.16 -12.47
CA VAL A 185 -4.73 -8.98 -12.06
C VAL A 185 -5.45 -10.34 -12.17
N PRO A 186 -6.28 -10.69 -11.16
CA PRO A 186 -7.01 -11.95 -11.26
C PRO A 186 -8.02 -11.91 -12.44
N ASP A 187 -8.26 -13.08 -13.02
CA ASP A 187 -9.14 -13.25 -14.18
C ASP A 187 -10.50 -12.59 -14.07
N GLY A 188 -11.09 -12.54 -12.88
CA GLY A 188 -12.41 -11.89 -12.78
C GLY A 188 -12.39 -10.51 -12.15
N GLY A 189 -11.21 -9.90 -12.09
CA GLY A 189 -11.01 -8.63 -11.42
C GLY A 189 -11.11 -8.62 -9.89
N VAL A 190 -11.62 -7.52 -9.36
CA VAL A 190 -11.68 -7.23 -7.93
C VAL A 190 -13.11 -6.78 -7.59
N PRO A 191 -13.80 -7.48 -6.69
CA PRO A 191 -15.18 -6.99 -6.39
C PRO A 191 -15.20 -5.65 -5.65
N VAL A 192 -16.23 -4.85 -5.93
CA VAL A 192 -16.35 -3.53 -5.33
C VAL A 192 -17.61 -3.41 -4.47
N TYR A 193 -17.41 -3.01 -3.21
CA TYR A 193 -18.54 -2.82 -2.28
C TYR A 193 -18.73 -1.33 -2.07
N ILE A 194 -19.96 -0.87 -2.10
CA ILE A 194 -20.21 0.58 -2.07
C ILE A 194 -20.96 0.94 -0.79
N ALA A 195 -20.34 1.83 -0.01
CA ALA A 195 -20.96 2.32 1.22
C ALA A 195 -21.91 3.48 0.90
N ALA A 196 -23.08 3.46 1.54
CA ALA A 196 -24.08 4.51 1.39
C ALA A 196 -24.70 4.82 2.76
N GLY A 197 -24.78 6.12 3.06
CA GLY A 197 -25.46 6.62 4.24
C GLY A 197 -26.84 7.15 3.87
N GLY A 198 -27.09 7.31 2.57
CA GLY A 198 -28.39 7.73 2.09
C GLY A 198 -28.84 7.06 0.78
N PRO A 199 -30.09 7.34 0.34
CA PRO A 199 -30.67 6.70 -0.86
C PRO A 199 -29.91 6.89 -2.20
N ALA A 200 -29.32 8.05 -2.45
CA ALA A 200 -28.64 8.31 -3.72
C ALA A 200 -27.48 7.37 -4.04
N VAL A 201 -26.63 7.11 -3.04
CA VAL A 201 -25.46 6.26 -3.26
C VAL A 201 -25.89 4.78 -3.19
N ALA A 202 -26.89 4.47 -2.35
CA ALA A 202 -27.45 3.14 -2.29
C ALA A 202 -27.97 2.65 -3.65
N LYS A 203 -28.58 3.53 -4.43
CA LYS A 203 -29.10 3.19 -5.75
C LYS A 203 -27.95 2.89 -6.70
N TYR A 204 -26.97 3.81 -6.71
CA TYR A 204 -25.67 3.53 -7.32
C TYR A 204 -25.09 2.18 -6.91
N ALA A 205 -25.13 1.83 -5.61
CA ALA A 205 -24.62 0.51 -5.17
C ALA A 205 -25.44 -0.65 -5.78
N GLY A 206 -26.76 -0.53 -5.78
CA GLY A 206 -27.63 -1.54 -6.43
C GLY A 206 -27.38 -1.70 -7.92
N ARG A 207 -27.09 -0.60 -8.61
CA ARG A 207 -26.78 -0.56 -10.04
C ARG A 207 -25.43 -1.14 -10.43
N ALA A 208 -24.41 -0.85 -9.62
CA ALA A 208 -23.00 -0.97 -10.01
C ALA A 208 -22.14 -1.84 -9.08
N GLY A 209 -22.57 -2.03 -7.83
CA GLY A 209 -21.76 -2.76 -6.86
C GLY A 209 -21.91 -4.28 -6.81
N ASP A 210 -20.82 -4.94 -6.48
CA ASP A 210 -20.79 -6.36 -6.16
C ASP A 210 -21.26 -6.53 -4.73
N GLY A 211 -21.25 -5.42 -4.01
CA GLY A 211 -21.50 -5.39 -2.59
C GLY A 211 -22.01 -4.03 -2.19
N PHE A 212 -22.72 -3.99 -1.08
CA PHE A 212 -23.30 -2.79 -0.51
C PHE A 212 -22.90 -2.76 0.96
N ILE A 213 -22.39 -1.61 1.42
CA ILE A 213 -22.01 -1.38 2.81
C ILE A 213 -22.85 -0.28 3.49
N CYS A 214 -23.30 -0.56 4.71
CA CYS A 214 -23.92 0.46 5.55
C CYS A 214 -23.51 0.19 7.01
N THR A 215 -23.93 1.06 7.93
CA THR A 215 -23.72 0.77 9.36
C THR A 215 -25.06 0.77 10.11
N SER A 216 -25.07 0.09 11.25
CA SER A 216 -26.23 -0.07 12.11
C SER A 216 -26.50 1.13 13.05
N GLY A 217 -27.68 1.08 13.67
CA GLY A 217 -27.99 1.93 14.82
C GLY A 217 -28.45 3.33 14.45
N LYS A 218 -28.83 3.54 13.20
CA LYS A 218 -29.35 4.84 12.79
C LYS A 218 -30.88 4.85 12.60
N GLY A 219 -31.56 3.80 13.08
CA GLY A 219 -33.01 3.80 13.06
C GLY A 219 -33.56 2.96 11.94
N GLU A 220 -34.61 2.20 12.26
CA GLU A 220 -35.30 1.29 11.32
C GLU A 220 -35.69 1.90 9.97
N GLU A 221 -36.26 3.11 9.99
CA GLU A 221 -36.67 3.82 8.78
C GLU A 221 -35.54 3.92 7.79
N LEU A 222 -34.35 4.28 8.26
CA LEU A 222 -33.20 4.37 7.38
C LEU A 222 -33.00 3.09 6.54
N TYR A 223 -33.11 1.92 7.18
CA TYR A 223 -32.84 0.65 6.50
C TYR A 223 -34.01 0.23 5.64
N THR A 224 -35.19 0.21 6.24
CA THR A 224 -36.41 -0.28 5.59
C THR A 224 -37.01 0.68 4.55
N GLU A 225 -36.91 1.99 4.81
CA GLU A 225 -37.61 2.93 3.97
C GLU A 225 -36.72 3.62 2.93
N LYS A 226 -35.42 3.73 3.21
CA LYS A 226 -34.49 4.47 2.32
C LYS A 226 -33.42 3.58 1.67
N LEU A 227 -32.53 2.98 2.49
CA LEU A 227 -31.38 2.24 1.96
C LEU A 227 -31.72 1.00 1.13
N MSE A 228 -32.45 0.06 1.72
CA MSE A 228 -32.81 -1.17 1.03
C MSE A 228 -33.74 -0.95 -0.20
O MSE A 228 -33.50 -1.57 -1.24
CB MSE A 228 -33.42 -2.15 2.04
CG MSE A 228 -32.89 -3.57 1.97
SE MSE A 228 -30.94 -3.81 2.16
CE MSE A 228 -30.50 -2.36 3.42
N PRO A 229 -34.78 -0.10 -0.11
CA PRO A 229 -35.50 0.23 -1.36
C PRO A 229 -34.61 0.86 -2.46
N ALA A 230 -33.64 1.69 -2.08
CA ALA A 230 -32.73 2.32 -3.05
C ALA A 230 -31.80 1.28 -3.70
N VAL A 231 -31.31 0.33 -2.93
CA VAL A 231 -30.48 -0.75 -3.46
C VAL A 231 -31.28 -1.57 -4.47
N ARG A 232 -32.41 -2.11 -4.01
CA ARG A 232 -33.38 -2.86 -4.83
C ARG A 232 -33.78 -2.14 -6.12
N GLU A 233 -33.96 -0.81 -6.04
CA GLU A 233 -34.34 0.02 -7.18
C GLU A 233 -33.18 0.25 -8.18
N GLY A 234 -31.97 0.47 -7.65
CA GLY A 234 -30.74 0.46 -8.44
C GLY A 234 -30.52 -0.86 -9.17
N ALA A 235 -30.67 -1.98 -8.45
CA ALA A 235 -30.58 -3.31 -9.05
C ALA A 235 -31.57 -3.45 -10.21
N ALA A 236 -32.84 -3.13 -9.94
CA ALA A 236 -33.89 -3.06 -10.97
C ALA A 236 -33.51 -2.19 -12.18
N ALA A 237 -33.05 -0.97 -11.93
CA ALA A 237 -32.58 -0.05 -12.96
C ALA A 237 -31.53 -0.64 -13.91
N ALA A 238 -30.63 -1.45 -13.37
CA ALA A 238 -29.55 -2.06 -14.14
C ALA A 238 -29.87 -3.51 -14.54
N ASP A 239 -31.15 -3.89 -14.42
CA ASP A 239 -31.65 -5.24 -14.72
C ASP A 239 -30.96 -6.37 -13.95
N ARG A 240 -30.52 -6.08 -12.73
CA ARG A 240 -29.75 -7.04 -11.96
C ARG A 240 -30.58 -7.71 -10.92
N SER A 241 -30.21 -8.96 -10.64
CA SER A 241 -30.65 -9.66 -9.43
C SER A 241 -30.05 -8.92 -8.23
N VAL A 242 -30.92 -8.52 -7.30
CA VAL A 242 -30.51 -7.93 -6.03
C VAL A 242 -29.94 -9.02 -5.12
N ASP A 243 -30.44 -10.26 -5.31
CA ASP A 243 -29.98 -11.47 -4.60
C ASP A 243 -28.47 -11.68 -4.81
N GLY A 244 -27.95 -11.19 -5.94
CA GLY A 244 -26.53 -11.26 -6.26
C GLY A 244 -25.60 -10.28 -5.55
N ILE A 245 -26.16 -9.23 -4.94
CA ILE A 245 -25.35 -8.22 -4.25
C ILE A 245 -25.16 -8.60 -2.78
N ASP A 246 -23.89 -8.69 -2.34
CA ASP A 246 -23.56 -8.88 -0.92
C ASP A 246 -24.03 -7.68 -0.09
N LYS A 247 -24.99 -7.90 0.80
CA LYS A 247 -25.57 -6.81 1.58
C LYS A 247 -24.96 -6.77 2.98
N MSE A 248 -23.93 -5.94 3.12
CA MSE A 248 -23.06 -5.93 4.28
C MSE A 248 -23.36 -4.75 5.22
O MSE A 248 -23.62 -3.62 4.79
CB MSE A 248 -21.59 -5.91 3.80
CG MSE A 248 -20.53 -5.78 4.87
SE MSE A 248 -18.67 -5.60 4.17
CE MSE A 248 -17.93 -4.51 5.69
N ILE A 249 -23.33 -5.02 6.51
CA ILE A 249 -23.54 -3.99 7.50
C ILE A 249 -22.54 -4.12 8.61
N GLU A 250 -22.03 -2.97 9.06
CA GLU A 250 -21.27 -2.96 10.29
C GLU A 250 -22.22 -2.78 11.48
N ILE A 251 -22.36 -3.87 12.22
CA ILE A 251 -23.19 -3.95 13.41
C ILE A 251 -22.41 -3.40 14.59
N LYS A 252 -22.79 -2.20 15.03
CA LYS A 252 -22.23 -1.60 16.23
C LYS A 252 -22.78 -2.31 17.50
N ILE A 253 -21.97 -3.19 18.06
CA ILE A 253 -22.41 -4.02 19.21
C ILE A 253 -21.47 -3.89 20.39
N SER A 254 -22.03 -3.54 21.54
CA SER A 254 -21.27 -3.57 22.79
C SER A 254 -21.83 -4.64 23.74
N TYR A 255 -21.36 -5.87 23.57
CA TYR A 255 -21.83 -7.00 24.40
C TYR A 255 -20.79 -7.34 25.48
N ASP A 256 -21.25 -7.38 26.72
CA ASP A 256 -20.45 -7.80 27.86
C ASP A 256 -21.41 -8.24 28.96
N PRO A 257 -21.15 -9.40 29.58
CA PRO A 257 -22.02 -9.87 30.68
C PRO A 257 -22.14 -8.85 31.83
N ASP A 258 -21.14 -7.99 31.99
CA ASP A 258 -21.15 -6.88 32.95
C ASP A 258 -21.78 -5.65 32.26
N PRO A 259 -23.05 -5.34 32.62
CA PRO A 259 -23.80 -4.33 31.87
C PRO A 259 -23.21 -2.93 32.01
N GLU A 260 -22.34 -2.75 33.01
CA GLU A 260 -21.70 -1.46 33.26
C GLU A 260 -20.55 -1.27 32.28
N LEU A 261 -19.82 -2.36 32.05
CA LEU A 261 -18.80 -2.43 31.04
C LEU A 261 -19.36 -2.27 29.61
N ALA A 262 -20.49 -2.92 29.34
CA ALA A 262 -21.14 -2.85 28.03
C ALA A 262 -21.44 -1.42 27.62
N MSE A 263 -21.95 -0.63 28.56
CA MSE A 263 -22.26 0.75 28.23
C MSE A 263 -21.03 1.66 28.19
O MSE A 263 -20.87 2.44 27.25
CB MSE A 263 -23.30 1.33 29.17
CG MSE A 263 -23.77 2.69 28.67
SE MSE A 263 -25.11 3.39 29.83
CE MSE A 263 -24.08 3.56 31.51
N ASN A 264 -20.18 1.55 29.20
CA ASN A 264 -18.93 2.30 29.27
C ASN A 264 -17.94 2.07 28.12
N ASN A 265 -17.90 0.84 27.59
CA ASN A 265 -17.02 0.48 26.48
C ASN A 265 -17.22 1.35 25.22
N THR A 266 -18.35 2.03 25.13
CA THR A 266 -18.69 2.85 23.94
C THR A 266 -18.02 4.22 23.91
N ARG A 267 -17.45 4.65 25.04
CA ARG A 267 -16.83 5.96 25.19
C ARG A 267 -15.82 6.36 24.08
N PHE A 268 -14.88 5.45 23.75
CA PHE A 268 -13.85 5.73 22.74
C PHE A 268 -14.51 6.16 21.42
N TRP A 269 -15.66 5.55 21.13
CA TRP A 269 -16.38 5.76 19.87
C TRP A 269 -17.42 6.88 19.85
N ALA A 270 -17.28 7.79 20.81
CA ALA A 270 -18.13 8.99 20.95
C ALA A 270 -18.29 9.83 19.66
N PRO A 271 -17.19 10.03 18.87
CA PRO A 271 -17.34 10.77 17.59
C PRO A 271 -18.36 10.20 16.60
N LEU A 272 -18.55 8.89 16.59
CA LEU A 272 -19.56 8.30 15.68
C LEU A 272 -21.00 8.66 16.04
N SER A 273 -21.19 9.29 17.20
CA SER A 273 -22.50 9.75 17.67
C SER A 273 -22.74 11.21 17.30
N LEU A 274 -21.77 11.82 16.64
CA LEU A 274 -21.95 13.17 16.09
C LEU A 274 -22.82 13.06 14.85
N THR A 275 -23.26 14.17 14.29
CA THR A 275 -24.09 14.09 13.07
C THR A 275 -23.26 13.62 11.88
N ALA A 276 -23.94 13.12 10.84
CA ALA A 276 -23.27 12.76 9.59
C ALA A 276 -22.47 13.96 9.08
N GLU A 277 -23.12 15.12 9.03
CA GLU A 277 -22.48 16.38 8.64
C GLU A 277 -21.18 16.69 9.39
N GLN A 278 -21.19 16.63 10.72
CA GLN A 278 -19.94 16.80 11.50
C GLN A 278 -18.93 15.72 11.12
N LYS A 279 -19.38 14.46 11.07
CA LYS A 279 -18.47 13.34 10.81
C LYS A 279 -17.73 13.43 9.46
N HIS A 280 -18.38 14.00 8.43
CA HIS A 280 -17.79 14.02 7.09
CA HIS A 280 -17.79 14.03 7.09
C HIS A 280 -17.17 15.36 6.68
N SER A 281 -17.38 16.40 7.50
CA SER A 281 -16.89 17.75 7.19
CA SER A 281 -16.88 17.74 7.18
C SER A 281 -15.87 18.30 8.20
N ILE A 282 -15.90 17.82 9.45
CA ILE A 282 -14.83 18.17 10.39
C ILE A 282 -13.48 17.55 9.96
N ASP A 283 -12.51 18.40 9.63
CA ASP A 283 -11.20 17.96 9.10
C ASP A 283 -10.11 17.69 10.15
N ASP A 284 -10.36 18.04 11.41
CA ASP A 284 -9.34 17.97 12.47
C ASP A 284 -9.75 17.06 13.65
N PRO A 285 -8.92 16.04 13.99
CA PRO A 285 -9.26 15.14 15.14
C PRO A 285 -9.44 15.85 16.50
N ILE A 286 -8.61 16.88 16.77
CA ILE A 286 -8.70 17.70 17.98
C ILE A 286 -10.11 18.34 18.13
N GLU A 287 -10.55 19.01 17.07
CA GLU A 287 -11.91 19.60 16.95
C GLU A 287 -13.03 18.53 17.00
N MSE A 288 -12.81 17.43 16.29
CA MSE A 288 -13.72 16.27 16.31
C MSE A 288 -13.95 15.76 17.73
O MSE A 288 -15.09 15.65 18.16
CB MSE A 288 -13.19 15.11 15.42
CG MSE A 288 -14.21 13.99 15.19
SE MSE A 288 -15.62 14.45 13.86
CE MSE A 288 -14.49 14.36 12.25
N GLU A 289 -12.85 15.47 18.44
CA GLU A 289 -12.88 14.94 19.80
C GLU A 289 -13.51 15.91 20.79
N LYS A 290 -13.32 17.22 20.55
CA LYS A 290 -13.96 18.27 21.35
C LYS A 290 -15.47 18.14 21.30
N ALA A 291 -16.01 18.19 20.08
CA ALA A 291 -17.44 18.02 19.82
C ALA A 291 -17.98 16.73 20.42
N ALA A 292 -17.21 15.64 20.29
CA ALA A 292 -17.66 14.31 20.68
C ALA A 292 -17.66 14.12 22.19
N ASP A 293 -16.74 14.77 22.88
CA ASP A 293 -16.65 14.57 24.32
C ASP A 293 -17.56 15.53 25.09
N ALA A 294 -18.45 16.20 24.36
CA ALA A 294 -19.55 16.95 24.95
C ALA A 294 -20.74 16.01 25.24
N LEU A 295 -20.72 14.81 24.64
CA LEU A 295 -21.82 13.84 24.76
C LEU A 295 -21.67 12.97 26.02
N PRO A 296 -22.76 12.80 26.80
CA PRO A 296 -22.68 11.83 27.90
C PRO A 296 -22.70 10.36 27.40
N ILE A 297 -22.20 9.44 28.21
CA ILE A 297 -22.12 8.04 27.78
C ILE A 297 -23.49 7.46 27.37
N GLU A 298 -24.56 7.91 28.01
CA GLU A 298 -25.84 7.35 27.67
C GLU A 298 -26.45 7.89 26.35
N GLN A 299 -25.94 9.02 25.87
CA GLN A 299 -26.22 9.49 24.49
C GLN A 299 -25.39 8.70 23.46
N ILE A 300 -24.14 8.44 23.78
CA ILE A 300 -23.27 7.68 22.88
C ILE A 300 -23.85 6.27 22.63
N ALA A 301 -24.35 5.66 23.70
CA ALA A 301 -24.88 4.29 23.64
C ALA A 301 -26.15 4.13 22.76
N LYS A 302 -26.79 5.25 22.43
CA LYS A 302 -27.94 5.25 21.51
C LYS A 302 -27.61 4.52 20.18
N ARG A 303 -26.39 4.71 19.72
CA ARG A 303 -25.92 4.20 18.46
C ARG A 303 -25.56 2.69 18.49
N TRP A 304 -25.42 2.14 19.71
CA TRP A 304 -24.86 0.81 19.92
C TRP A 304 -25.90 -0.17 20.41
N ILE A 305 -25.76 -1.42 20.01
CA ILE A 305 -26.54 -2.48 20.63
C ILE A 305 -25.79 -2.72 21.92
N VAL A 306 -26.40 -2.34 23.04
CA VAL A 306 -25.79 -2.54 24.35
C VAL A 306 -26.52 -3.65 25.05
N ALA A 307 -25.84 -4.76 25.32
CA ALA A 307 -26.53 -5.91 25.89
C ALA A 307 -25.60 -6.73 26.75
N SER A 308 -26.15 -7.40 27.74
CA SER A 308 -25.38 -8.34 28.54
C SER A 308 -26.05 -9.70 28.58
N ASP A 309 -27.22 -9.77 27.95
CA ASP A 309 -27.89 -11.03 27.68
C ASP A 309 -27.66 -11.39 26.21
N PRO A 310 -27.22 -12.63 25.92
CA PRO A 310 -26.94 -12.98 24.52
C PRO A 310 -28.19 -13.09 23.61
N ASP A 311 -29.32 -13.51 24.16
CA ASP A 311 -30.57 -13.60 23.39
C ASP A 311 -31.11 -12.23 23.03
N GLU A 312 -31.01 -11.31 23.99
CA GLU A 312 -31.32 -9.90 23.83
C GLU A 312 -30.46 -9.29 22.73
N ALA A 313 -29.17 -9.59 22.81
CA ALA A 313 -28.17 -9.18 21.81
C ALA A 313 -28.53 -9.66 20.40
N VAL A 314 -28.76 -10.97 20.26
CA VAL A 314 -29.01 -11.55 18.95
C VAL A 314 -30.38 -11.21 18.38
N GLU A 315 -31.35 -10.91 19.23
CA GLU A 315 -32.65 -10.41 18.78
C GLU A 315 -32.48 -9.06 18.08
N LYS A 316 -31.68 -8.19 18.71
CA LYS A 316 -31.42 -6.88 18.15
C LYS A 316 -30.59 -6.95 16.86
N VAL A 317 -29.62 -7.87 16.82
CA VAL A 317 -28.83 -8.08 15.59
C VAL A 317 -29.70 -8.72 14.52
N GLY A 318 -30.56 -9.63 14.94
CA GLY A 318 -31.49 -10.33 14.05
C GLY A 318 -32.34 -9.41 13.21
N GLN A 319 -32.67 -8.22 13.73
CA GLN A 319 -33.49 -7.23 12.99
C GLN A 319 -32.92 -6.86 11.62
N TYR A 320 -31.60 -6.69 11.57
CA TYR A 320 -30.91 -6.29 10.34
C TYR A 320 -31.01 -7.37 9.28
N VAL A 321 -30.92 -8.61 9.72
CA VAL A 321 -31.13 -9.78 8.89
C VAL A 321 -32.53 -9.71 8.26
N THR A 322 -33.56 -9.59 9.12
CA THR A 322 -34.94 -9.41 8.70
C THR A 322 -35.05 -8.28 7.67
N TRP A 323 -34.33 -7.18 7.87
CA TRP A 323 -34.37 -6.00 6.95
C TRP A 323 -33.64 -6.15 5.60
N GLY A 324 -32.95 -7.27 5.39
CA GLY A 324 -32.36 -7.58 4.10
C GLY A 324 -30.85 -7.67 4.06
N LEU A 325 -30.17 -7.46 5.20
CA LEU A 325 -28.71 -7.59 5.27
C LEU A 325 -28.28 -9.04 5.57
N ASN A 326 -27.26 -9.51 4.87
CA ASN A 326 -26.84 -10.92 4.94
C ASN A 326 -25.37 -11.06 5.43
N HIS A 327 -24.58 -10.00 5.25
CA HIS A 327 -23.16 -10.00 5.68
C HIS A 327 -22.96 -9.08 6.90
N LEU A 328 -22.85 -9.72 8.06
CA LEU A 328 -22.89 -8.99 9.33
C LEU A 328 -21.47 -8.83 9.86
N VAL A 329 -20.98 -7.60 9.89
CA VAL A 329 -19.59 -7.32 10.28
C VAL A 329 -19.60 -6.62 11.62
N PHE A 330 -19.11 -7.33 12.62
CA PHE A 330 -19.23 -6.89 14.01
C PHE A 330 -18.14 -5.93 14.47
N HIS A 331 -18.61 -4.77 14.93
CA HIS A 331 -17.75 -3.73 15.47
C HIS A 331 -18.01 -3.64 16.97
N ALA A 332 -17.04 -4.09 17.74
CA ALA A 332 -17.15 -3.99 19.18
C ALA A 332 -16.31 -2.77 19.62
N PRO A 333 -16.82 -1.98 20.58
CA PRO A 333 -16.20 -0.71 20.91
C PRO A 333 -15.03 -0.73 21.91
N GLY A 334 -14.92 -1.73 22.77
CA GLY A 334 -13.94 -1.71 23.87
C GLY A 334 -12.51 -1.98 23.41
N HIS A 335 -11.52 -1.63 24.24
CA HIS A 335 -10.11 -1.91 23.93
C HIS A 335 -9.83 -3.42 23.96
N ASP A 336 -10.59 -4.16 24.77
CA ASP A 336 -10.39 -5.61 24.85
C ASP A 336 -11.12 -6.38 23.75
N GLN A 337 -10.50 -6.40 22.57
CA GLN A 337 -11.09 -7.03 21.39
C GLN A 337 -11.07 -8.58 21.44
N ARG A 338 -10.00 -9.14 22.01
CA ARG A 338 -9.89 -10.59 22.21
C ARG A 338 -11.02 -11.11 23.11
N ARG A 339 -11.43 -10.30 24.07
CA ARG A 339 -12.55 -10.66 24.93
C ARG A 339 -13.89 -10.67 24.15
N PHE A 340 -14.12 -9.64 23.32
CA PHE A 340 -15.28 -9.64 22.45
C PHE A 340 -15.34 -10.90 21.56
N LEU A 341 -14.20 -11.26 20.99
CA LEU A 341 -14.12 -12.41 20.08
C LEU A 341 -14.40 -13.76 20.78
N GLU A 342 -13.93 -13.92 22.01
CA GLU A 342 -14.23 -15.10 22.82
C GLU A 342 -15.73 -15.14 23.10
N LEU A 343 -16.27 -14.02 23.57
CA LEU A 343 -17.71 -13.86 23.87
C LEU A 343 -18.58 -14.14 22.63
N PHE A 344 -18.13 -13.64 21.47
CA PHE A 344 -18.83 -13.84 20.20
C PHE A 344 -18.90 -15.35 19.83
N GLN A 345 -17.76 -16.01 19.82
CA GLN A 345 -17.68 -17.41 19.46
C GLN A 345 -18.49 -18.31 20.42
N SER A 346 -18.38 -18.11 21.73
CA SER A 346 -19.19 -18.91 22.66
C SER A 346 -20.67 -18.46 22.72
N ASP A 347 -20.92 -17.16 22.85
CA ASP A 347 -22.26 -16.68 23.23
C ASP A 347 -23.16 -16.27 22.07
N LEU A 348 -22.60 -15.62 21.04
CA LEU A 348 -23.42 -15.04 19.99
C LEU A 348 -23.44 -15.80 18.67
N ALA A 349 -22.26 -16.20 18.18
CA ALA A 349 -22.13 -16.90 16.90
C ALA A 349 -23.05 -18.12 16.72
N PRO A 350 -23.17 -19.02 17.74
CA PRO A 350 -24.09 -20.17 17.62
C PRO A 350 -25.54 -19.72 17.40
N ARG A 351 -25.97 -18.71 18.15
CA ARG A 351 -27.32 -18.12 17.99
C ARG A 351 -27.47 -17.47 16.61
N LEU A 352 -26.49 -16.64 16.23
CA LEU A 352 -26.56 -15.88 14.96
C LEU A 352 -26.53 -16.77 13.71
N ARG A 353 -25.79 -17.87 13.78
CA ARG A 353 -25.67 -18.75 12.62
C ARG A 353 -26.96 -19.54 12.41
N ARG A 354 -27.76 -19.59 13.49
CA ARG A 354 -28.98 -20.40 13.63
C ARG A 354 -28.71 -21.82 14.10
N GLU B 23 30.29 -3.63 8.03
CA GLU B 23 28.95 -3.30 7.48
C GLU B 23 28.78 -3.67 5.99
N LEU B 24 29.58 -4.62 5.53
CA LEU B 24 29.27 -5.33 4.29
C LEU B 24 27.97 -6.12 4.45
N LYS B 25 27.04 -5.84 3.54
CA LYS B 25 25.76 -6.52 3.51
C LYS B 25 25.48 -7.02 2.09
N LEU B 26 25.01 -8.26 2.04
CA LEU B 26 24.62 -8.94 0.82
C LEU B 26 23.11 -9.06 0.75
N GLY B 27 22.54 -8.61 -0.37
CA GLY B 27 21.09 -8.54 -0.57
C GLY B 27 20.60 -9.04 -1.89
N TYR B 28 19.30 -9.19 -1.98
CA TYR B 28 18.64 -9.64 -3.21
C TYR B 28 17.68 -8.59 -3.79
N LYS B 29 17.76 -8.35 -5.10
CA LYS B 29 16.85 -7.48 -5.81
C LYS B 29 15.70 -8.33 -6.35
N ALA B 30 14.49 -7.98 -5.91
CA ALA B 30 13.29 -8.63 -6.38
C ALA B 30 12.69 -7.75 -7.47
N SER B 31 12.70 -8.30 -8.67
CA SER B 31 12.33 -7.63 -9.90
C SER B 31 10.84 -7.76 -10.20
N ALA B 32 10.10 -6.73 -9.79
CA ALA B 32 8.66 -6.61 -10.00
C ALA B 32 8.37 -6.63 -11.49
N GLU B 33 9.31 -6.15 -12.32
CA GLU B 33 9.10 -6.08 -13.77
C GLU B 33 9.08 -7.45 -14.48
N GLN B 34 9.62 -8.48 -13.81
CA GLN B 34 9.83 -9.79 -14.39
C GLN B 34 8.95 -10.88 -13.76
N PHE B 35 8.49 -10.69 -12.53
CA PHE B 35 7.69 -11.71 -11.87
C PHE B 35 6.32 -11.28 -11.34
N ALA B 36 5.36 -12.19 -11.40
CA ALA B 36 4.04 -12.02 -10.82
C ALA B 36 4.10 -11.93 -9.27
N PRO B 37 3.04 -11.37 -8.63
CA PRO B 37 3.01 -11.10 -7.20
C PRO B 37 3.40 -12.29 -6.28
N ARG B 38 2.75 -13.44 -6.39
CA ARG B 38 3.10 -14.57 -5.54
C ARG B 38 4.57 -15.03 -5.70
N GLU B 39 5.00 -15.23 -6.94
CA GLU B 39 6.39 -15.55 -7.22
C GLU B 39 7.39 -14.53 -6.63
N LEU B 40 7.09 -13.25 -6.77
CA LEU B 40 7.99 -12.22 -6.29
C LEU B 40 8.23 -12.36 -4.76
N VAL B 41 7.16 -12.66 -4.01
CA VAL B 41 7.18 -12.78 -2.56
C VAL B 41 7.91 -14.03 -2.11
N GLU B 42 7.61 -15.16 -2.77
CA GLU B 42 8.30 -16.43 -2.48
C GLU B 42 9.80 -16.34 -2.82
N LEU B 43 10.15 -15.55 -3.84
CA LEU B 43 11.57 -15.38 -4.20
C LEU B 43 12.35 -14.68 -3.09
N ALA B 44 11.71 -13.70 -2.46
CA ALA B 44 12.34 -12.91 -1.42
C ALA B 44 12.41 -13.74 -0.14
N VAL B 45 11.40 -14.57 0.10
CA VAL B 45 11.47 -15.56 1.21
C VAL B 45 12.65 -16.53 0.99
N ALA B 46 12.79 -17.03 -0.25
CA ALA B 46 13.93 -17.88 -0.62
C ALA B 46 15.26 -17.15 -0.44
N ALA B 47 15.28 -15.85 -0.68
CA ALA B 47 16.51 -15.05 -0.40
C ALA B 47 16.93 -15.19 1.09
N GLU B 48 15.97 -15.00 2.00
CA GLU B 48 16.26 -15.13 3.43
C GLU B 48 16.78 -16.52 3.66
N ALA B 49 16.13 -17.52 3.04
CA ALA B 49 16.52 -18.93 3.25
C ALA B 49 17.92 -19.16 2.80
N HIS B 50 18.36 -18.38 1.80
CA HIS B 50 19.71 -18.52 1.22
C HIS B 50 20.81 -17.62 1.85
N GLY B 51 20.48 -16.94 2.95
CA GLY B 51 21.50 -16.18 3.68
C GLY B 51 21.61 -14.67 3.49
N MSE B 52 20.83 -14.12 2.56
CA MSE B 52 20.78 -12.64 2.31
C MSE B 52 20.40 -11.80 3.54
O MSE B 52 19.60 -12.21 4.39
CB MSE B 52 19.77 -12.34 1.18
CG MSE B 52 20.09 -13.04 -0.13
SE MSE B 52 21.76 -12.34 -0.84
CE MSE B 52 21.32 -12.60 -2.77
N ASP B 53 21.00 -10.61 3.65
CA ASP B 53 20.73 -9.69 4.74
C ASP B 53 19.55 -8.77 4.40
N SER B 54 19.28 -8.62 3.11
CA SER B 54 18.22 -7.70 2.65
C SER B 54 17.61 -8.15 1.34
N ALA B 55 16.45 -7.58 1.03
CA ALA B 55 15.77 -7.81 -0.20
C ALA B 55 15.05 -6.50 -0.57
N THR B 56 15.17 -6.12 -1.83
CA THR B 56 14.63 -4.86 -2.24
C THR B 56 13.85 -5.06 -3.53
N VAL B 57 12.82 -4.24 -3.69
CA VAL B 57 11.86 -4.42 -4.76
C VAL B 57 11.89 -3.16 -5.62
N SER B 58 11.79 -3.33 -6.92
CA SER B 58 11.50 -2.21 -7.74
C SER B 58 10.02 -1.78 -7.61
N ASP B 59 9.78 -0.49 -7.78
CA ASP B 59 8.46 0.08 -7.70
C ASP B 59 8.04 0.61 -9.07
N HIS B 60 7.18 -0.15 -9.74
CA HIS B 60 6.71 0.19 -11.08
C HIS B 60 5.20 0.12 -11.08
N PHE B 61 4.61 0.93 -11.93
CA PHE B 61 3.25 0.76 -12.39
C PHE B 61 3.28 -0.04 -13.71
N GLN B 62 4.28 0.23 -14.53
CA GLN B 62 4.42 -0.43 -15.82
C GLN B 62 5.81 -1.00 -15.93
N PRO B 63 5.93 -2.24 -16.47
CA PRO B 63 7.22 -2.91 -16.65
C PRO B 63 7.98 -2.32 -17.85
N TRP B 64 9.24 -2.72 -18.00
CA TRP B 64 10.06 -2.30 -19.15
C TRP B 64 9.55 -2.98 -20.43
N ARG B 65 9.07 -4.21 -20.27
CA ARG B 65 8.56 -4.99 -21.39
C ARG B 65 7.05 -5.17 -21.34
N HIS B 66 6.35 -4.91 -22.45
CA HIS B 66 4.94 -5.31 -22.53
C HIS B 66 4.73 -6.84 -22.52
N GLN B 67 5.50 -7.55 -23.34
CA GLN B 67 5.37 -9.00 -23.42
C GLN B 67 6.26 -9.62 -22.37
N GLY B 68 5.66 -10.42 -21.50
CA GLY B 68 6.38 -11.04 -20.40
C GLY B 68 6.56 -10.12 -19.21
N GLY B 69 5.97 -8.93 -19.28
CA GLY B 69 6.16 -7.95 -18.21
C GLY B 69 5.18 -8.09 -17.05
N HIS B 70 5.64 -7.69 -15.87
CA HIS B 70 4.81 -7.64 -14.66
C HIS B 70 5.02 -6.30 -13.96
N ALA B 71 4.15 -6.02 -13.00
CA ALA B 71 4.31 -4.90 -12.10
C ALA B 71 3.52 -5.10 -10.80
N PRO B 72 3.92 -6.08 -9.95
CA PRO B 72 3.16 -6.18 -8.66
C PRO B 72 3.35 -4.93 -7.77
N PHE B 73 2.30 -4.51 -7.07
CA PHE B 73 2.39 -3.36 -6.15
C PHE B 73 3.55 -3.55 -5.11
N SER B 74 4.53 -2.65 -5.13
CA SER B 74 5.76 -2.81 -4.29
C SER B 74 5.44 -2.94 -2.77
N LEU B 75 4.45 -2.17 -2.32
CA LEU B 75 4.15 -2.04 -0.91
C LEU B 75 3.45 -3.31 -0.36
N SER B 76 2.66 -3.98 -1.21
CA SER B 76 2.07 -5.25 -0.85
C SER B 76 3.17 -6.32 -0.76
N TRP B 77 4.06 -6.36 -1.74
CA TRP B 77 5.27 -7.21 -1.67
C TRP B 77 6.01 -7.04 -0.33
N MSE B 78 6.29 -5.79 0.05
CA MSE B 78 7.03 -5.53 1.29
C MSE B 78 6.36 -6.08 2.55
O MSE B 78 7.05 -6.61 3.42
CB MSE B 78 7.27 -4.04 1.51
CG MSE B 78 8.41 -3.44 0.72
SE MSE B 78 8.49 -1.54 1.13
CE MSE B 78 8.96 -1.75 3.02
N THR B 79 5.03 -5.89 2.63
CA THR B 79 4.26 -6.36 3.78
C THR B 79 4.13 -7.86 3.78
N ALA B 80 3.82 -8.44 2.63
CA ALA B 80 3.78 -9.92 2.55
C ALA B 80 5.14 -10.57 2.87
N VAL B 81 6.20 -10.02 2.30
CA VAL B 81 7.55 -10.53 2.64
C VAL B 81 7.91 -10.35 4.13
N GLY B 82 7.62 -9.16 4.67
CA GLY B 82 7.78 -8.89 6.08
C GLY B 82 7.09 -9.87 7.03
N GLU B 83 5.82 -10.22 6.77
CA GLU B 83 5.11 -11.18 7.59
C GLU B 83 5.79 -12.55 7.54
N ARG B 84 6.36 -12.91 6.39
CA ARG B 84 6.99 -14.24 6.09
C ARG B 84 8.48 -14.41 6.47
N THR B 85 9.10 -13.32 6.89
CA THR B 85 10.54 -13.31 7.11
C THR B 85 10.83 -12.79 8.52
N ASN B 86 12.06 -12.98 8.98
CA ASN B 86 12.37 -12.61 10.34
C ASN B 86 13.52 -11.61 10.39
N ARG B 87 14.48 -11.76 9.47
CA ARG B 87 15.69 -10.94 9.45
C ARG B 87 15.84 -9.91 8.33
N LEU B 88 15.40 -10.21 7.11
CA LEU B 88 15.69 -9.29 5.97
C LEU B 88 15.35 -7.83 6.24
N LEU B 89 16.31 -6.96 5.91
CA LEU B 89 16.00 -5.56 5.69
C LEU B 89 15.17 -5.49 4.40
N LEU B 90 14.11 -4.70 4.40
CA LEU B 90 13.21 -4.66 3.27
C LEU B 90 13.00 -3.20 2.87
N GLY B 91 13.08 -2.93 1.58
CA GLY B 91 12.75 -1.59 1.10
C GLY B 91 12.57 -1.52 -0.39
N THR B 92 12.23 -0.33 -0.85
CA THR B 92 12.05 -0.05 -2.28
C THR B 92 13.36 0.39 -2.87
N SER B 93 13.64 -0.17 -4.05
CA SER B 93 14.75 0.27 -4.84
C SER B 93 14.29 0.48 -6.30
N VAL B 94 13.72 1.64 -6.64
CA VAL B 94 13.29 2.68 -5.67
C VAL B 94 11.88 3.15 -6.02
N LEU B 95 11.25 3.85 -5.09
CA LEU B 95 9.90 4.36 -5.26
C LEU B 95 9.97 5.85 -5.54
N THR B 96 9.27 6.31 -6.55
CA THR B 96 9.12 7.74 -6.84
C THR B 96 7.90 8.30 -6.07
N PRO B 97 8.15 9.14 -5.03
CA PRO B 97 7.13 9.58 -4.10
C PRO B 97 6.55 10.97 -4.41
N THR B 98 6.58 11.35 -5.68
CA THR B 98 6.31 12.71 -6.10
C THR B 98 5.14 12.91 -7.10
N PHE B 99 4.81 11.90 -7.88
CA PHE B 99 3.86 12.08 -8.96
C PHE B 99 2.54 11.32 -8.73
N ARG B 100 2.51 10.02 -9.05
CA ARG B 100 1.33 9.18 -8.92
C ARG B 100 1.01 8.90 -7.45
N TYR B 101 2.06 8.86 -6.63
CA TYR B 101 1.93 8.74 -5.21
C TYR B 101 1.85 10.09 -4.51
N ASN B 102 0.95 10.15 -3.52
CA ASN B 102 0.92 11.18 -2.51
C ASN B 102 2.01 10.94 -1.42
N PRO B 103 2.91 11.93 -1.21
CA PRO B 103 4.00 11.85 -0.22
C PRO B 103 3.47 11.57 1.18
N ALA B 104 2.35 12.20 1.54
CA ALA B 104 1.71 11.96 2.87
C ALA B 104 1.33 10.50 3.12
N VAL B 105 0.74 9.88 2.09
CA VAL B 105 0.33 8.51 2.15
C VAL B 105 1.54 7.56 2.14
N ILE B 106 2.57 7.82 1.32
CA ILE B 106 3.81 7.07 1.37
C ILE B 106 4.39 7.07 2.80
N ALA B 107 4.43 8.25 3.41
CA ALA B 107 4.89 8.40 4.80
C ALA B 107 4.07 7.57 5.79
N GLN B 108 2.76 7.54 5.62
CA GLN B 108 1.90 6.73 6.43
C GLN B 108 2.17 5.27 6.12
N ALA B 109 2.17 4.90 4.84
CA ALA B 109 2.41 3.48 4.50
C ALA B 109 3.70 2.96 5.16
N PHE B 110 4.81 3.68 4.95
CA PHE B 110 6.08 3.23 5.53
C PHE B 110 6.18 3.28 7.04
N ALA B 111 5.54 4.26 7.67
CA ALA B 111 5.46 4.32 9.12
C ALA B 111 4.76 3.09 9.65
N THR B 112 3.67 2.68 8.99
CA THR B 112 2.89 1.50 9.36
C THR B 112 3.76 0.24 9.24
N MSE B 113 4.45 0.09 8.11
CA MSE B 113 5.36 -1.02 7.88
C MSE B 113 6.52 -1.09 8.87
O MSE B 113 6.85 -2.18 9.34
CB MSE B 113 5.81 -1.03 6.44
CG MSE B 113 4.73 -1.55 5.51
SE MSE B 113 5.27 -1.63 3.65
CE MSE B 113 5.71 0.26 3.38
N GLY B 114 7.07 0.07 9.20
CA GLY B 114 8.10 0.19 10.24
C GLY B 114 7.61 -0.26 11.61
N CSO B 115 6.32 -0.05 11.87
CA CSO B 115 5.70 -0.52 13.10
CB CSO B 115 4.37 0.18 13.41
SG CSO B 115 4.59 1.88 13.87
C CSO B 115 5.53 -2.02 13.06
O CSO B 115 5.82 -2.71 14.04
OD CSO B 115 5.37 1.78 15.44
N LEU B 116 5.08 -2.53 11.93
CA LEU B 116 4.92 -3.98 11.70
C LEU B 116 6.23 -4.80 11.74
N TYR B 117 7.31 -4.24 11.17
CA TYR B 117 8.63 -4.94 11.02
C TYR B 117 9.75 -4.05 11.57
N PRO B 118 9.83 -3.91 12.92
CA PRO B 118 10.76 -3.01 13.61
C PRO B 118 12.17 -3.17 13.08
N ASN B 119 12.71 -2.05 12.63
CA ASN B 119 14.07 -1.94 12.14
C ASN B 119 14.38 -2.70 10.86
N ARG B 120 13.36 -3.07 10.10
CA ARG B 120 13.57 -3.91 8.93
C ARG B 120 13.07 -3.22 7.67
N VAL B 121 12.74 -1.94 7.78
CA VAL B 121 12.11 -1.19 6.67
C VAL B 121 12.88 0.06 6.30
N PHE B 122 13.10 0.25 5.00
CA PHE B 122 13.61 1.51 4.54
C PHE B 122 12.82 1.97 3.30
N LEU B 123 12.74 3.27 3.13
CA LEU B 123 12.17 3.85 1.94
C LEU B 123 13.30 4.20 0.92
N GLY B 124 13.38 3.44 -0.16
CA GLY B 124 14.25 3.81 -1.27
C GLY B 124 13.48 4.75 -2.21
N VAL B 125 14.09 5.89 -2.54
CA VAL B 125 13.49 6.95 -3.39
C VAL B 125 14.28 7.34 -4.65
N GLY B 126 13.56 7.73 -5.69
CA GLY B 126 14.19 8.30 -6.88
C GLY B 126 13.38 9.45 -7.43
N THR B 127 13.96 10.16 -8.41
CA THR B 127 13.34 11.31 -9.10
C THR B 127 12.27 10.93 -10.13
N GLY B 128 12.25 9.67 -10.57
CA GLY B 128 11.18 9.15 -11.40
C GLY B 128 11.47 8.77 -12.84
N GLU B 129 10.49 8.14 -13.47
CA GLU B 129 10.60 7.72 -14.85
C GLU B 129 9.19 7.80 -15.46
N ALA B 130 9.10 8.39 -16.66
CA ALA B 130 7.85 8.63 -17.37
C ALA B 130 7.04 7.34 -17.50
N LEU B 131 7.74 6.22 -17.71
CA LEU B 131 7.16 4.87 -17.73
C LEU B 131 6.10 4.57 -16.64
N ASN B 132 6.29 5.08 -15.42
CA ASN B 132 5.33 4.86 -14.33
C ASN B 132 4.28 5.97 -14.18
N GLU B 133 4.55 7.12 -14.80
CA GLU B 133 3.85 8.33 -14.39
C GLU B 133 2.84 8.87 -15.44
N ILE B 134 3.17 8.74 -16.72
CA ILE B 134 2.39 9.34 -17.81
C ILE B 134 1.12 8.53 -18.13
N ALA B 135 1.25 7.21 -18.19
CA ALA B 135 0.09 6.34 -18.41
C ALA B 135 -0.88 6.37 -17.22
N THR B 136 -0.32 6.61 -16.05
CA THR B 136 -1.05 6.57 -14.79
C THR B 136 -1.82 7.90 -14.54
N GLY B 137 -1.68 8.83 -15.48
CA GLY B 137 -2.59 9.97 -15.58
C GLY B 137 -2.05 11.32 -15.17
N TYR B 138 -0.72 11.45 -15.16
CA TYR B 138 -0.07 12.76 -15.01
C TYR B 138 -0.47 13.68 -16.18
N GLU B 139 -1.02 14.85 -15.86
CA GLU B 139 -1.50 15.78 -16.89
C GLU B 139 -0.39 16.72 -17.37
N GLY B 140 -0.30 16.91 -18.68
CA GLY B 140 0.75 17.73 -19.27
C GLY B 140 2.14 17.11 -19.38
N ALA B 141 3.13 17.99 -19.63
CA ALA B 141 4.48 17.61 -20.03
C ALA B 141 5.31 17.03 -18.88
N TRP B 142 5.97 15.89 -19.14
CA TRP B 142 6.92 15.28 -18.22
C TRP B 142 7.94 16.34 -17.79
N PRO B 143 7.92 16.73 -16.50
CA PRO B 143 8.74 17.86 -16.02
C PRO B 143 10.22 17.57 -16.23
N GLU B 144 10.98 18.61 -16.49
CA GLU B 144 12.44 18.53 -16.61
C GLU B 144 13.10 18.15 -15.27
N PHE B 145 14.37 17.78 -15.35
CA PHE B 145 15.11 17.31 -14.19
C PHE B 145 15.04 18.24 -12.98
N LYS B 146 15.25 19.54 -13.18
CA LYS B 146 15.26 20.48 -12.05
C LYS B 146 14.02 20.29 -11.15
N GLU B 147 12.84 20.24 -11.79
CA GLU B 147 11.58 20.09 -11.08
C GLU B 147 11.43 18.71 -10.38
N ARG B 148 11.73 17.63 -11.09
CA ARG B 148 11.68 16.27 -10.50
C ARG B 148 12.57 16.18 -9.25
N PHE B 149 13.79 16.70 -9.34
CA PHE B 149 14.75 16.75 -8.21
C PHE B 149 14.18 17.60 -7.09
N ALA B 150 13.63 18.77 -7.44
CA ALA B 150 13.13 19.71 -6.45
C ALA B 150 11.89 19.13 -5.77
N ARG B 151 11.01 18.47 -6.54
CA ARG B 151 9.92 17.65 -5.96
C ARG B 151 10.40 16.60 -4.97
N LEU B 152 11.46 15.87 -5.35
CA LEU B 152 11.94 14.77 -4.49
C LEU B 152 12.39 15.33 -3.16
N ARG B 153 13.21 16.37 -3.22
CA ARG B 153 13.76 17.04 -2.05
C ARG B 153 12.64 17.52 -1.10
N GLU B 154 11.64 18.16 -1.68
CA GLU B 154 10.51 18.65 -0.91
C GLU B 154 9.68 17.49 -0.30
N SER B 155 9.30 16.53 -1.13
CA SER B 155 8.58 15.35 -0.65
C SER B 155 9.33 14.61 0.49
N VAL B 156 10.64 14.45 0.36
CA VAL B 156 11.44 13.80 1.44
C VAL B 156 11.35 14.60 2.76
N GLY B 157 11.49 15.93 2.66
CA GLY B 157 11.26 16.86 3.78
C GLY B 157 9.90 16.71 4.46
N LEU B 158 8.83 16.75 3.68
CA LEU B 158 7.45 16.55 4.20
C LEU B 158 7.23 15.19 4.92
N MSE B 159 7.75 14.11 4.36
CA MSE B 159 7.51 12.77 4.94
C MSE B 159 8.25 12.65 6.28
O MSE B 159 7.70 12.12 7.25
CB MSE B 159 7.92 11.67 3.97
CG MSE B 159 7.11 11.69 2.66
SE MSE B 159 7.55 10.13 1.55
CE MSE B 159 9.35 10.63 0.94
N ARG B 160 9.46 13.20 6.31
CA ARG B 160 10.28 13.30 7.52
C ARG B 160 9.63 14.14 8.61
N GLN B 161 8.99 15.25 8.24
CA GLN B 161 8.22 16.03 9.20
C GLN B 161 7.07 15.21 9.75
N LEU B 162 6.35 14.48 8.89
CA LEU B 162 5.26 13.59 9.33
C LEU B 162 5.73 12.47 10.25
N TRP B 163 6.90 11.92 9.95
CA TRP B 163 7.49 10.84 10.78
C TRP B 163 7.91 11.27 12.19
N SER B 164 8.04 12.57 12.41
CA SER B 164 8.32 13.11 13.75
C SER B 164 7.16 12.75 14.69
N GLY B 165 5.98 12.60 14.12
CA GLY B 165 4.76 12.37 14.88
C GLY B 165 4.01 13.62 15.31
N ASP B 166 4.59 14.80 15.05
CA ASP B 166 3.97 16.05 15.43
C ASP B 166 2.94 16.51 14.37
N ARG B 167 2.10 17.47 14.75
CA ARG B 167 1.26 18.18 13.80
C ARG B 167 2.07 18.94 12.76
N VAL B 168 1.72 18.75 11.49
CA VAL B 168 2.48 19.35 10.38
C VAL B 168 1.63 20.31 9.52
N ASP B 169 2.06 21.56 9.47
CA ASP B 169 1.60 22.48 8.46
C ASP B 169 2.72 22.62 7.44
N PHE B 170 2.44 22.26 6.19
CA PHE B 170 3.42 22.26 5.12
C PHE B 170 2.82 22.91 3.89
N ASP B 171 3.48 23.96 3.38
CA ASP B 171 3.01 24.65 2.17
C ASP B 171 4.20 24.76 1.24
N GLY B 172 4.44 23.68 0.50
CA GLY B 172 5.60 23.62 -0.39
C GLY B 172 5.32 24.31 -1.72
N ASP B 173 6.28 24.21 -2.63
CA ASP B 173 6.07 24.49 -4.04
C ASP B 173 5.19 23.49 -4.77
N TYR B 174 5.15 22.26 -4.27
CA TYR B 174 4.39 21.19 -4.94
C TYR B 174 3.41 20.48 -4.00
N TYR B 175 3.71 20.43 -2.71
CA TYR B 175 2.91 19.61 -1.78
C TYR B 175 2.36 20.46 -0.63
N ARG B 176 1.18 20.07 -0.13
CA ARG B 176 0.52 20.75 0.99
C ARG B 176 0.04 19.77 2.10
N LEU B 177 0.25 20.14 3.36
CA LEU B 177 -0.39 19.53 4.54
C LEU B 177 -0.91 20.65 5.44
N LYS B 178 -2.15 20.54 5.90
CA LYS B 178 -2.68 21.48 6.89
C LYS B 178 -3.06 20.72 8.15
N GLY B 179 -2.13 20.61 9.09
CA GLY B 179 -2.40 19.98 10.39
C GLY B 179 -2.42 18.45 10.40
N ALA B 180 -1.62 17.85 9.52
CA ALA B 180 -1.57 16.40 9.41
C ALA B 180 -0.63 15.83 10.48
N SER B 181 -1.03 14.69 11.05
CA SER B 181 -0.15 13.88 11.90
C SER B 181 -0.15 12.46 11.35
N ILE B 182 0.99 11.78 11.45
CA ILE B 182 1.01 10.31 11.47
C ILE B 182 0.96 9.78 12.92
N TYR B 183 -0.05 8.99 13.17
CA TYR B 183 -0.39 8.55 14.51
C TYR B 183 0.44 7.31 14.90
N ASP B 184 0.87 6.55 13.90
CA ASP B 184 1.64 5.33 14.15
C ASP B 184 3.00 5.36 13.47
N VAL B 185 4.01 5.80 14.21
CA VAL B 185 5.37 5.87 13.67
C VAL B 185 6.30 5.15 14.61
N PRO B 186 7.33 4.47 14.08
CA PRO B 186 8.29 3.90 15.03
C PRO B 186 9.16 5.03 15.59
N ASP B 187 9.71 4.83 16.79
CA ASP B 187 10.67 5.81 17.29
C ASP B 187 11.92 5.51 16.50
N GLY B 188 12.53 6.53 15.95
CA GLY B 188 13.67 6.25 15.07
C GLY B 188 13.23 5.97 13.65
N GLY B 189 12.04 6.48 13.33
CA GLY B 189 11.62 6.82 11.96
C GLY B 189 11.73 5.79 10.84
N VAL B 190 11.76 6.31 9.61
CA VAL B 190 11.94 5.47 8.44
C VAL B 190 13.22 5.93 7.75
N PRO B 191 14.24 5.07 7.63
CA PRO B 191 15.45 5.45 6.87
C PRO B 191 15.14 5.71 5.41
N VAL B 192 15.70 6.78 4.87
CA VAL B 192 15.42 7.13 3.50
C VAL B 192 16.72 6.94 2.71
N TYR B 193 16.67 6.09 1.69
CA TYR B 193 17.80 5.83 0.82
C TYR B 193 17.51 6.56 -0.51
N ILE B 194 18.51 7.22 -1.05
CA ILE B 194 18.32 8.12 -2.21
C ILE B 194 19.15 7.58 -3.36
N ALA B 195 18.48 7.22 -4.45
CA ALA B 195 19.10 6.80 -5.71
C ALA B 195 19.58 7.98 -6.51
N ALA B 196 20.76 7.83 -7.10
CA ALA B 196 21.31 8.84 -8.03
C ALA B 196 22.05 8.15 -9.17
N GLY B 197 21.85 8.67 -10.38
CA GLY B 197 22.63 8.27 -11.54
C GLY B 197 23.63 9.35 -11.95
N GLY B 198 23.60 10.49 -11.25
CA GLY B 198 24.50 11.62 -11.51
C GLY B 198 24.96 12.36 -10.24
N PRO B 199 26.00 13.23 -10.35
CA PRO B 199 26.54 13.88 -9.14
C PRO B 199 25.56 14.80 -8.35
N ALA B 200 24.65 15.49 -9.04
CA ALA B 200 23.70 16.39 -8.35
C ALA B 200 22.84 15.69 -7.27
N VAL B 201 22.15 14.61 -7.63
CA VAL B 201 21.33 13.88 -6.68
C VAL B 201 22.20 13.05 -5.71
N ALA B 202 23.41 12.68 -6.14
CA ALA B 202 24.37 12.01 -5.25
C ALA B 202 24.79 12.91 -4.11
N LYS B 203 25.02 14.20 -4.40
CA LYS B 203 25.30 15.17 -3.35
C LYS B 203 24.15 15.31 -2.37
N TYR B 204 22.92 15.36 -2.88
CA TYR B 204 21.72 15.34 -2.05
C TYR B 204 21.64 14.10 -1.13
N ALA B 205 21.92 12.92 -1.68
CA ALA B 205 22.02 11.67 -0.89
C ALA B 205 23.05 11.79 0.24
N GLY B 206 24.26 12.30 -0.08
CA GLY B 206 25.26 12.74 0.90
C GLY B 206 24.74 13.65 2.01
N ARG B 207 24.13 14.78 1.63
CA ARG B 207 23.50 15.71 2.60
C ARG B 207 22.33 15.12 3.43
N ALA B 208 21.41 14.42 2.78
CA ALA B 208 20.13 14.06 3.42
C ALA B 208 19.83 12.57 3.67
N GLY B 209 20.51 11.69 2.93
CA GLY B 209 20.16 10.28 2.92
C GLY B 209 20.70 9.47 4.09
N ASP B 210 19.85 8.61 4.65
CA ASP B 210 20.30 7.54 5.56
C ASP B 210 21.09 6.51 4.75
N GLY B 211 20.75 6.41 3.48
CA GLY B 211 21.39 5.51 2.54
C GLY B 211 21.51 6.18 1.19
N PHE B 212 22.28 5.57 0.30
CA PHE B 212 22.49 6.06 -1.05
C PHE B 212 22.34 4.84 -1.95
N ILE B 213 21.65 5.01 -3.08
CA ILE B 213 21.45 3.88 -4.01
C ILE B 213 22.05 4.20 -5.38
N CYS B 214 22.74 3.24 -5.98
CA CYS B 214 23.08 3.34 -7.41
C CYS B 214 23.02 1.94 -8.01
N THR B 215 23.25 1.84 -9.32
CA THR B 215 23.36 0.53 -9.96
C THR B 215 24.71 0.38 -10.66
N SER B 216 25.13 -0.89 -10.82
CA SER B 216 26.42 -1.30 -11.39
C SER B 216 26.51 -1.30 -12.94
N GLY B 217 27.74 -1.51 -13.45
CA GLY B 217 28.00 -1.79 -14.86
C GLY B 217 27.89 -0.56 -15.77
N LYS B 218 28.01 0.61 -15.18
CA LYS B 218 27.95 1.87 -15.92
C LYS B 218 29.32 2.52 -16.06
N GLY B 219 30.37 1.77 -15.73
CA GLY B 219 31.76 2.23 -15.93
C GLY B 219 32.41 2.81 -14.68
N GLU B 220 33.67 2.44 -14.44
CA GLU B 220 34.43 2.87 -13.24
C GLU B 220 34.38 4.37 -12.91
N GLU B 221 34.48 5.21 -13.94
CA GLU B 221 34.58 6.66 -13.77
C GLU B 221 33.36 7.28 -13.12
N LEU B 222 32.16 6.78 -13.45
CA LEU B 222 30.90 7.25 -12.87
C LEU B 222 30.96 7.14 -11.34
N TYR B 223 31.36 5.96 -10.86
CA TYR B 223 31.46 5.66 -9.43
C TYR B 223 32.60 6.41 -8.76
N THR B 224 33.81 6.33 -9.32
CA THR B 224 35.01 6.86 -8.65
C THR B 224 35.18 8.38 -8.81
N GLU B 225 34.75 8.93 -9.94
CA GLU B 225 34.92 10.36 -10.19
C GLU B 225 33.65 11.20 -9.99
N LYS B 226 32.47 10.61 -10.21
CA LYS B 226 31.21 11.38 -10.11
C LYS B 226 30.43 11.09 -8.81
N LEU B 227 29.91 9.87 -8.70
CA LEU B 227 28.97 9.54 -7.61
C LEU B 227 29.56 9.59 -6.22
N MSE B 228 30.58 8.76 -5.95
CA MSE B 228 31.21 8.68 -4.62
C MSE B 228 31.79 10.02 -4.11
O MSE B 228 31.62 10.37 -2.94
CB MSE B 228 32.28 7.56 -4.54
CG MSE B 228 31.72 6.13 -4.53
SE MSE B 228 30.38 5.77 -3.11
CE MSE B 228 31.33 6.49 -1.55
N PRO B 229 32.52 10.76 -4.99
CA PRO B 229 32.95 12.09 -4.55
C PRO B 229 31.78 13.02 -4.22
N ALA B 230 30.71 13.01 -5.02
CA ALA B 230 29.50 13.77 -4.70
C ALA B 230 28.84 13.37 -3.37
N VAL B 231 28.71 12.07 -3.10
CA VAL B 231 28.17 11.63 -1.80
C VAL B 231 29.04 12.19 -0.66
N ARG B 232 30.36 12.04 -0.77
CA ARG B 232 31.31 12.59 0.22
C ARG B 232 31.18 14.12 0.38
N GLU B 233 31.13 14.83 -0.73
CA GLU B 233 30.91 16.28 -0.77
C GLU B 233 29.62 16.65 -0.02
N GLY B 234 28.53 15.91 -0.28
CA GLY B 234 27.25 16.14 0.37
C GLY B 234 27.28 15.96 1.88
N ALA B 235 27.88 14.85 2.32
CA ALA B 235 28.00 14.54 3.75
C ALA B 235 28.86 15.61 4.44
N ALA B 236 29.96 16.00 3.81
CA ALA B 236 30.85 17.04 4.36
C ALA B 236 30.10 18.36 4.52
N ALA B 237 29.37 18.77 3.48
CA ALA B 237 28.61 20.03 3.52
C ALA B 237 27.42 20.04 4.50
N ALA B 238 27.00 18.84 4.92
CA ALA B 238 26.00 18.69 5.96
C ALA B 238 26.63 18.29 7.31
N ASP B 239 27.94 18.48 7.46
CA ASP B 239 28.71 18.10 8.66
C ASP B 239 28.42 16.67 9.17
N ARG B 240 28.32 15.72 8.24
CA ARG B 240 27.94 14.33 8.54
C ARG B 240 29.06 13.38 8.18
N SER B 241 29.05 12.23 8.84
CA SER B 241 29.98 11.15 8.60
C SER B 241 29.53 10.35 7.38
N VAL B 242 30.41 10.16 6.40
CA VAL B 242 30.07 9.39 5.19
C VAL B 242 30.09 7.88 5.50
N ASP B 243 30.85 7.50 6.52
CA ASP B 243 30.96 6.12 6.99
C ASP B 243 29.61 5.60 7.48
N GLY B 244 28.85 6.49 8.12
CA GLY B 244 27.50 6.23 8.61
C GLY B 244 26.39 6.04 7.60
N ILE B 245 26.57 6.54 6.38
CA ILE B 245 25.60 6.39 5.29
C ILE B 245 25.70 5.00 4.66
N ASP B 246 24.57 4.29 4.59
CA ASP B 246 24.55 2.99 3.91
C ASP B 246 24.70 3.20 2.41
N LYS B 247 25.75 2.62 1.83
CA LYS B 247 26.08 2.84 0.42
C LYS B 247 25.78 1.58 -0.40
N MSE B 248 24.56 1.56 -0.90
CA MSE B 248 23.95 0.45 -1.56
C MSE B 248 24.09 0.52 -3.06
O MSE B 248 23.81 1.57 -3.71
CB MSE B 248 22.48 0.41 -1.13
CG MSE B 248 21.64 -0.62 -1.82
SE MSE B 248 19.74 -0.58 -1.25
CE MSE B 248 19.89 -1.56 0.42
N ILE B 249 24.46 -0.60 -3.65
CA ILE B 249 24.50 -0.66 -5.09
C ILE B 249 23.69 -1.88 -5.53
N GLU B 250 22.90 -1.73 -6.58
CA GLU B 250 22.36 -2.94 -7.21
C GLU B 250 23.44 -3.50 -8.12
N ILE B 251 23.92 -4.69 -7.81
CA ILE B 251 24.91 -5.36 -8.63
C ILE B 251 24.19 -6.21 -9.70
N LYS B 252 24.30 -5.79 -10.97
CA LYS B 252 23.81 -6.57 -12.09
C LYS B 252 24.79 -7.71 -12.43
N ILE B 253 24.43 -8.92 -12.02
CA ILE B 253 25.31 -10.08 -12.14
C ILE B 253 24.59 -11.24 -12.79
N SER B 254 25.22 -11.80 -13.81
CA SER B 254 24.73 -13.02 -14.43
C SER B 254 25.81 -14.11 -14.25
N TYR B 255 25.76 -14.78 -13.10
CA TYR B 255 26.69 -15.87 -12.82
C TYR B 255 25.97 -17.17 -13.16
N ASP B 256 26.67 -18.04 -13.90
CA ASP B 256 26.18 -19.40 -14.13
C ASP B 256 27.33 -20.22 -14.68
N PRO B 257 27.63 -21.38 -14.04
CA PRO B 257 28.70 -22.26 -14.50
C PRO B 257 28.54 -22.61 -15.99
N ASP B 258 27.29 -22.60 -16.48
CA ASP B 258 27.00 -22.75 -17.90
C ASP B 258 27.14 -21.40 -18.62
N PRO B 259 28.20 -21.23 -19.44
CA PRO B 259 28.45 -19.92 -20.07
C PRO B 259 27.32 -19.42 -20.98
N GLU B 260 26.61 -20.37 -21.60
CA GLU B 260 25.48 -20.09 -22.48
C GLU B 260 24.35 -19.38 -21.72
N LEU B 261 24.07 -19.88 -20.52
CA LEU B 261 23.09 -19.27 -19.64
C LEU B 261 23.59 -17.94 -19.10
N ALA B 262 24.83 -17.89 -18.64
CA ALA B 262 25.40 -16.61 -18.16
C ALA B 262 25.10 -15.47 -19.14
N MSE B 263 25.28 -15.73 -20.44
CA MSE B 263 25.03 -14.74 -21.50
C MSE B 263 23.55 -14.50 -21.86
O MSE B 263 23.08 -13.34 -21.84
CB MSE B 263 25.80 -15.12 -22.77
CG MSE B 263 27.13 -14.46 -22.86
SE MSE B 263 26.94 -12.53 -23.05
CE MSE B 263 26.79 -12.39 -24.99
N ASN B 264 22.86 -15.56 -22.22
CA ASN B 264 21.47 -15.51 -22.71
C ASN B 264 20.46 -15.02 -21.69
N ASN B 265 20.68 -15.34 -20.41
CA ASN B 265 19.82 -14.91 -19.30
C ASN B 265 19.65 -13.40 -19.20
N THR B 266 20.61 -12.65 -19.74
CA THR B 266 20.51 -11.18 -19.73
C THR B 266 19.48 -10.61 -20.73
N ARG B 267 19.09 -11.40 -21.72
CA ARG B 267 18.21 -10.95 -22.82
C ARG B 267 16.97 -10.19 -22.32
N PHE B 268 16.28 -10.72 -21.30
CA PHE B 268 15.06 -10.10 -20.72
C PHE B 268 15.32 -8.67 -20.27
N TRP B 269 16.55 -8.39 -19.86
CA TRP B 269 16.90 -7.05 -19.34
C TRP B 269 17.49 -6.07 -20.36
N ALA B 270 17.26 -6.36 -21.65
CA ALA B 270 17.67 -5.47 -22.72
C ALA B 270 17.22 -4.00 -22.46
N PRO B 271 15.97 -3.76 -21.98
CA PRO B 271 15.61 -2.35 -21.75
C PRO B 271 16.58 -1.57 -20.85
N LEU B 272 17.25 -2.26 -19.92
CA LEU B 272 18.18 -1.59 -19.03
C LEU B 272 19.48 -1.12 -19.72
N SER B 273 19.74 -1.61 -20.92
CA SER B 273 20.90 -1.19 -21.75
C SER B 273 20.56 -0.06 -22.69
N LEU B 274 19.32 0.40 -22.65
CA LEU B 274 18.94 1.64 -23.35
C LEU B 274 19.61 2.83 -22.66
N THR B 275 19.59 4.00 -23.31
CA THR B 275 20.19 5.18 -22.71
C THR B 275 19.37 5.64 -21.49
N ALA B 276 20.00 6.46 -20.64
CA ALA B 276 19.30 7.02 -19.48
C ALA B 276 18.08 7.85 -19.89
N GLU B 277 18.22 8.67 -20.95
CA GLU B 277 17.14 9.53 -21.44
C GLU B 277 15.97 8.67 -21.88
N GLN B 278 16.25 7.65 -22.69
CA GLN B 278 15.23 6.65 -23.08
C GLN B 278 14.54 5.98 -21.89
N LYS B 279 15.32 5.49 -20.92
CA LYS B 279 14.74 4.82 -19.75
C LYS B 279 13.81 5.72 -18.94
N HIS B 280 14.16 7.01 -18.82
CA HIS B 280 13.40 7.89 -17.95
CA HIS B 280 13.40 7.91 -17.95
C HIS B 280 12.36 8.74 -18.68
N SER B 281 12.41 8.70 -20.03
CA SER B 281 11.51 9.46 -20.92
C SER B 281 10.44 8.64 -21.67
N ILE B 282 10.80 7.44 -22.13
CA ILE B 282 9.82 6.65 -22.88
C ILE B 282 8.72 6.23 -21.89
N ASP B 283 7.47 6.50 -22.25
CA ASP B 283 6.36 6.35 -21.33
C ASP B 283 5.50 5.12 -21.62
N ASP B 284 5.86 4.37 -22.66
CA ASP B 284 5.04 3.25 -23.10
C ASP B 284 5.91 2.01 -23.24
N PRO B 285 5.56 0.92 -22.52
CA PRO B 285 6.36 -0.31 -22.56
C PRO B 285 6.47 -0.95 -23.95
N ILE B 286 5.45 -0.75 -24.78
CA ILE B 286 5.50 -1.16 -26.19
C ILE B 286 6.62 -0.39 -26.91
N GLU B 287 6.73 0.92 -26.70
CA GLU B 287 7.85 1.69 -27.29
C GLU B 287 9.19 1.31 -26.65
N MSE B 288 9.18 1.13 -25.33
CA MSE B 288 10.37 0.70 -24.58
C MSE B 288 10.90 -0.63 -25.11
O MSE B 288 12.11 -0.75 -25.40
CB MSE B 288 10.06 0.62 -23.07
CG MSE B 288 11.29 0.50 -22.20
SE MSE B 288 12.34 2.15 -22.11
CE MSE B 288 11.12 3.19 -20.95
N GLU B 289 9.99 -1.58 -25.29
CA GLU B 289 10.34 -2.94 -25.70
C GLU B 289 10.94 -2.98 -27.10
N LYS B 290 10.33 -2.25 -28.03
CA LYS B 290 10.79 -2.13 -29.41
C LYS B 290 12.25 -1.58 -29.50
N ALA B 291 12.55 -0.54 -28.72
CA ALA B 291 13.89 0.07 -28.66
C ALA B 291 14.89 -0.94 -28.10
N ALA B 292 14.52 -1.57 -26.99
CA ALA B 292 15.31 -2.63 -26.39
C ALA B 292 15.55 -3.81 -27.33
N ASP B 293 14.53 -4.23 -28.08
CA ASP B 293 14.66 -5.40 -28.97
C ASP B 293 15.60 -5.19 -30.18
N ALA B 294 16.00 -3.95 -30.45
CA ALA B 294 16.99 -3.63 -31.47
C ALA B 294 18.45 -3.72 -30.95
N LEU B 295 18.62 -4.13 -29.69
CA LEU B 295 19.98 -4.25 -29.14
C LEU B 295 20.48 -5.67 -29.33
N PRO B 296 21.76 -5.83 -29.75
CA PRO B 296 22.38 -7.15 -29.82
C PRO B 296 22.81 -7.68 -28.42
N ILE B 297 22.81 -8.99 -28.23
CA ILE B 297 23.18 -9.59 -26.95
C ILE B 297 24.55 -9.08 -26.39
N GLU B 298 25.57 -9.00 -27.25
CA GLU B 298 26.87 -8.34 -26.96
C GLU B 298 26.75 -7.00 -26.23
N GLN B 299 25.82 -6.17 -26.72
CA GLN B 299 25.57 -4.85 -26.16
C GLN B 299 24.93 -4.92 -24.78
N ILE B 300 23.91 -5.76 -24.66
CA ILE B 300 23.26 -6.02 -23.36
C ILE B 300 24.29 -6.47 -22.32
N ALA B 301 25.13 -7.44 -22.69
CA ALA B 301 26.13 -8.00 -21.79
C ALA B 301 27.01 -6.95 -21.07
N LYS B 302 27.22 -5.78 -21.72
CA LYS B 302 28.08 -4.67 -21.22
C LYS B 302 27.71 -4.17 -19.82
N ARG B 303 26.42 -4.21 -19.54
CA ARG B 303 25.83 -3.75 -18.30
C ARG B 303 26.02 -4.77 -17.14
N TRP B 304 26.28 -6.02 -17.51
CA TRP B 304 26.23 -7.17 -16.58
C TRP B 304 27.58 -7.78 -16.28
N ILE B 305 27.80 -8.20 -15.04
CA ILE B 305 28.90 -9.11 -14.77
C ILE B 305 28.52 -10.50 -15.29
N VAL B 306 29.09 -10.89 -16.44
CA VAL B 306 28.82 -12.20 -17.04
C VAL B 306 29.99 -13.14 -16.72
N ALA B 307 29.74 -14.14 -15.87
CA ALA B 307 30.83 -14.93 -15.30
C ALA B 307 30.38 -16.34 -15.04
N SER B 308 31.21 -17.31 -15.38
CA SER B 308 30.88 -18.68 -15.04
C SER B 308 31.88 -19.27 -14.04
N ASP B 309 32.68 -18.38 -13.44
CA ASP B 309 33.72 -18.69 -12.45
C ASP B 309 33.52 -17.79 -11.22
N PRO B 310 33.36 -18.40 -10.02
CA PRO B 310 33.05 -17.67 -8.78
C PRO B 310 34.14 -16.69 -8.33
N ASP B 311 35.40 -17.10 -8.47
CA ASP B 311 36.51 -16.22 -8.15
C ASP B 311 36.57 -14.98 -9.03
N GLU B 312 36.46 -15.16 -10.33
CA GLU B 312 36.41 -14.03 -11.24
C GLU B 312 35.20 -13.12 -10.96
N ALA B 313 34.02 -13.73 -10.82
CA ALA B 313 32.78 -13.00 -10.47
C ALA B 313 32.96 -12.15 -9.19
N VAL B 314 33.42 -12.77 -8.10
CA VAL B 314 33.62 -12.04 -6.85
C VAL B 314 34.65 -10.92 -6.98
N GLU B 315 35.70 -11.13 -7.78
CA GLU B 315 36.70 -10.10 -8.04
C GLU B 315 36.11 -8.88 -8.75
N LYS B 316 35.22 -9.15 -9.71
CA LYS B 316 34.50 -8.10 -10.41
C LYS B 316 33.54 -7.37 -9.46
N VAL B 317 32.82 -8.11 -8.62
CA VAL B 317 31.95 -7.49 -7.62
C VAL B 317 32.76 -6.66 -6.60
N GLY B 318 33.94 -7.18 -6.23
CA GLY B 318 34.86 -6.51 -5.29
C GLY B 318 35.39 -5.14 -5.65
N GLN B 319 35.42 -4.82 -6.96
CA GLN B 319 35.78 -3.49 -7.42
C GLN B 319 34.89 -2.42 -6.78
N TYR B 320 33.60 -2.72 -6.71
CA TYR B 320 32.61 -1.76 -6.20
C TYR B 320 32.78 -1.55 -4.70
N VAL B 321 33.14 -2.62 -3.99
CA VAL B 321 33.55 -2.55 -2.58
C VAL B 321 34.79 -1.63 -2.41
N THR B 322 35.79 -1.81 -3.28
CA THR B 322 36.99 -0.92 -3.35
C THR B 322 36.60 0.56 -3.59
N TRP B 323 35.66 0.79 -4.48
CA TRP B 323 35.16 2.15 -4.78
C TRP B 323 34.30 2.80 -3.68
N GLY B 324 33.98 2.06 -2.61
CA GLY B 324 33.32 2.62 -1.44
C GLY B 324 31.92 2.11 -1.11
N LEU B 325 31.36 1.24 -1.97
CA LEU B 325 30.06 0.64 -1.72
C LEU B 325 30.12 -0.56 -0.74
N ASN B 326 29.13 -0.64 0.15
CA ASN B 326 29.12 -1.59 1.28
C ASN B 326 27.89 -2.51 1.38
N HIS B 327 26.80 -2.14 0.73
CA HIS B 327 25.57 -2.90 0.75
C HIS B 327 25.29 -3.36 -0.68
N LEU B 328 25.56 -4.64 -0.90
CA LEU B 328 25.59 -5.21 -2.24
C LEU B 328 24.32 -5.96 -2.52
N VAL B 329 23.45 -5.38 -3.34
CA VAL B 329 22.13 -5.96 -3.62
C VAL B 329 22.19 -6.59 -4.98
N PHE B 330 22.14 -7.92 -5.01
CA PHE B 330 22.33 -8.69 -6.25
C PHE B 330 21.08 -8.86 -7.12
N HIS B 331 21.24 -8.45 -8.39
CA HIS B 331 20.17 -8.54 -9.40
C HIS B 331 20.62 -9.56 -10.44
N ALA B 332 20.01 -10.75 -10.41
CA ALA B 332 20.30 -11.83 -11.36
C ALA B 332 19.25 -11.71 -12.44
N PRO B 333 19.64 -11.80 -13.73
CA PRO B 333 18.71 -11.53 -14.85
C PRO B 333 17.78 -12.67 -15.29
N GLY B 334 18.16 -13.92 -15.00
CA GLY B 334 17.41 -15.10 -15.43
C GLY B 334 16.03 -15.27 -14.81
N HIS B 335 15.14 -15.94 -15.55
CA HIS B 335 13.86 -16.37 -14.97
C HIS B 335 14.05 -17.34 -13.78
N ASP B 336 15.10 -18.17 -13.80
CA ASP B 336 15.36 -19.13 -12.71
C ASP B 336 16.11 -18.45 -11.57
N GLN B 337 15.36 -17.73 -10.75
CA GLN B 337 15.93 -17.01 -9.61
C GLN B 337 16.38 -17.94 -8.47
N ARG B 338 15.67 -19.05 -8.27
CA ARG B 338 16.07 -20.09 -7.29
C ARG B 338 17.43 -20.73 -7.59
N ARG B 339 17.69 -20.99 -8.88
CA ARG B 339 19.03 -21.38 -9.34
C ARG B 339 20.11 -20.39 -8.90
N PHE B 340 19.91 -19.10 -9.19
CA PHE B 340 20.82 -18.04 -8.78
C PHE B 340 21.08 -18.03 -7.27
N LEU B 341 20.00 -18.06 -6.49
CA LEU B 341 20.07 -18.12 -5.03
C LEU B 341 20.88 -19.29 -4.49
N GLU B 342 20.72 -20.47 -5.08
CA GLU B 342 21.51 -21.67 -4.71
C GLU B 342 22.99 -21.47 -5.04
N LEU B 343 23.27 -20.92 -6.23
CA LEU B 343 24.63 -20.64 -6.71
C LEU B 343 25.30 -19.58 -5.87
N PHE B 344 24.57 -18.50 -5.60
CA PHE B 344 25.01 -17.46 -4.69
C PHE B 344 25.39 -18.07 -3.32
N GLN B 345 24.51 -18.89 -2.75
CA GLN B 345 24.80 -19.46 -1.43
C GLN B 345 26.06 -20.34 -1.40
N SER B 346 26.21 -21.26 -2.35
CA SER B 346 27.36 -22.18 -2.38
C SER B 346 28.67 -21.59 -2.95
N ASP B 347 28.58 -20.82 -4.03
CA ASP B 347 29.74 -20.30 -4.75
C ASP B 347 30.13 -18.86 -4.38
N LEU B 348 29.16 -17.97 -4.29
CA LEU B 348 29.46 -16.53 -4.25
C LEU B 348 29.60 -15.98 -2.85
N ALA B 349 28.61 -16.23 -2.01
CA ALA B 349 28.55 -15.67 -0.66
C ALA B 349 29.80 -15.93 0.19
N PRO B 350 30.29 -17.19 0.23
CA PRO B 350 31.48 -17.40 1.09
C PRO B 350 32.65 -16.51 0.66
N ARG B 351 32.81 -16.29 -0.64
CA ARG B 351 33.93 -15.46 -1.13
C ARG B 351 33.68 -13.98 -0.84
N LEU B 352 32.44 -13.56 -1.05
CA LEU B 352 32.00 -12.16 -0.86
C LEU B 352 32.10 -11.68 0.59
N ARG B 353 31.70 -12.54 1.53
CA ARG B 353 31.80 -12.22 2.96
C ARG B 353 33.27 -12.01 3.35
N ARG B 354 34.17 -12.67 2.59
CA ARG B 354 35.65 -12.48 2.64
CA ARG B 354 35.65 -12.52 2.64
C ARG B 354 36.35 -13.64 3.37
N1 F42 C . -14.88 6.72 5.00
C2 F42 C . -13.53 6.73 5.04
O2 F42 C . -12.92 7.58 4.36
N3 F42 C . -12.87 5.82 5.80
C4 F42 C . -13.53 4.90 6.51
O4 F42 C . -12.86 4.01 7.25
C4A F42 C . -15.03 4.88 6.47
C5 F42 C . -15.78 3.88 7.29
C5A F42 C . -17.11 3.62 6.69
C6 F42 C . -17.79 2.44 7.01
C7 F42 C . -19.13 2.29 6.68
C8 F42 C . -19.79 3.33 6.01
O8M F42 C . -21.11 3.23 5.68
C9 F42 C . -19.13 4.52 5.71
C9A F42 C . -17.77 4.66 6.03
N10 F42 C . -17.01 5.66 5.24
C10 F42 C . -15.64 5.85 5.70
C1' F42 C . -17.75 6.87 5.31
C2' F42 C . -17.50 7.86 4.21
O2' F42 C . -16.86 7.44 2.96
C3' F42 C . -18.86 8.55 4.16
O3' F42 C . -18.52 9.91 4.08
C4' F42 C . -19.93 8.18 3.13
O4' F42 C . -20.64 6.95 3.37
C5' F42 C . -20.88 9.36 3.05
O5' F42 C . -22.16 8.88 2.77
P F42 C . -22.84 9.02 1.32
O1P F42 C . -24.10 8.18 1.46
O2P F42 C . -21.91 8.78 0.16
O3P F42 C . -23.14 10.63 1.15
C1I F42 C . -23.88 11.54 1.99
C2I F42 C . -23.49 11.61 3.48
C3I F42 C . -25.36 11.48 1.73
O3I F42 C . -26.19 11.38 2.61
N1H F42 C . -25.63 11.58 0.43
C1H F42 C . -26.87 11.62 -0.39
C2H F42 C . -27.63 10.34 -0.45
O2U F42 C . -28.89 10.40 -0.44
O2T F42 C . -26.95 9.29 -0.54
C3H F42 C . -27.73 12.83 0.01
C4H F42 C . -26.82 14.03 0.20
C5H F42 C . -27.08 15.17 -0.77
O5H F42 C . -26.64 16.28 -0.50
N1G F42 C . -27.75 14.93 -1.90
CAC FLC D . -21.93 6.03 8.63
CA FLC D . -20.46 5.70 8.82
CB FLC D . -19.84 6.32 10.06
CBC FLC D . -20.33 5.63 11.33
CG FLC D . -18.32 6.18 10.05
CGC FLC D . -17.66 7.10 9.06
OA1 FLC D . -22.28 6.56 7.55
OA2 FLC D . -22.76 5.75 9.52
OB1 FLC D . -20.00 4.44 11.55
OB2 FLC D . -21.06 6.30 12.08
OG1 FLC D . -16.51 6.79 8.70
OG2 FLC D . -18.22 8.15 8.66
OHB FLC D . -20.20 7.69 10.14
N1 F42 E . 12.52 4.56 -10.49
C2 F42 E . 11.26 4.10 -10.40
O2 F42 E . 10.33 4.91 -10.57
N3 F42 E . 11.00 2.80 -10.11
C4 F42 E . 12.01 1.94 -9.91
O4 F42 E . 11.74 0.65 -9.62
C4A F42 E . 13.41 2.40 -10.00
C5 F42 E . 14.55 1.43 -9.75
C5A F42 E . 15.85 2.14 -9.60
C6 F42 E . 16.89 1.46 -8.94
C7 F42 E . 18.13 2.06 -8.80
C8 F42 E . 18.36 3.33 -9.31
O8M F42 E . 19.58 3.92 -9.17
C9 F42 E . 17.34 4.01 -9.97
C9A F42 E . 16.07 3.43 -10.12
N10 F42 E . 14.94 4.35 -10.33
C10 F42 E . 13.60 3.74 -10.32
C1' F42 E . 15.18 5.13 -11.52
C2' F42 E . 14.70 6.53 -11.32
O2' F42 E . 13.96 6.95 -10.14
C3' F42 E . 15.75 7.45 -11.95
O3' F42 E . 14.89 8.34 -12.66
C4' F42 E . 16.87 8.17 -11.20
O4' F42 E . 17.73 7.57 -10.26
C5' F42 E . 17.84 8.67 -12.23
O5' F42 E . 17.65 10.04 -12.12
P F42 E . 18.68 11.02 -11.35
O1P F42 E . 20.06 10.52 -11.19
O2P F42 E . 17.93 11.63 -10.18
O3P F42 E . 18.62 12.14 -12.54
C1I F42 E . 19.16 12.09 -13.89
C2I F42 E . 19.33 10.72 -14.54
C3I F42 E . 20.45 12.87 -13.92
O3I F42 E . 21.32 12.58 -14.73
N1H F42 E . 20.51 13.88 -13.04
C1H F42 E . 21.52 14.92 -12.77
C2H F42 E . 22.57 14.51 -11.78
O2U F42 E . 23.75 14.89 -11.92
O2T F42 E . 22.17 13.82 -10.81
C3H F42 E . 22.04 15.53 -14.08
C4H F42 E . 20.92 16.08 -14.95
C5H F42 E . 20.97 17.59 -15.16
O5H F42 E . 20.12 18.11 -15.85
N1G F42 E . 21.92 18.31 -14.59
CAC FLC F . 19.98 3.42 -13.22
CA FLC F . 18.68 2.68 -12.96
CB FLC F . 18.18 1.87 -14.14
CBC FLC F . 19.06 0.66 -14.41
CG FLC F . 16.78 1.32 -13.84
CGC FLC F . 15.68 2.36 -13.87
OA1 FLC F . 20.98 2.77 -13.58
OA2 FLC F . 20.03 4.66 -13.03
OB1 FLC F . 19.69 0.58 -15.49
OB2 FLC F . 19.11 -0.24 -13.53
OG1 FLC F . 14.61 2.08 -13.28
OG2 FLC F . 15.83 3.44 -14.49
OHB FLC F . 18.13 2.67 -15.32
#